data_8EJ1
#
_entry.id   8EJ1
#
_cell.length_a   1.00
_cell.length_b   1.00
_cell.length_c   1.00
_cell.angle_alpha   90.00
_cell.angle_beta   90.00
_cell.angle_gamma   90.00
#
_symmetry.space_group_name_H-M   'P 1'
#
_entity_poly.entity_id   1
_entity_poly.type   'polypeptide(L)'
_entity_poly.pdbx_seq_one_letter_code
;MQRSPLEKASVVSKLFFSWTRPILRKGYRQRLELSDIYQIPSVDSADNLSEKLEREWDRELASKKNPKLINALRRCFFWR
FMFYGIFLYLGEVTKAVQPLLLGRIIASYDPDNKEERSIAIYLGIGLCLLFIVRTLLLHPAIFGLHHIGMQMRIAMFSLI
YKKTLKLSSRVLDKISIGQLVSLLSNNLNKFDEGLALAHFVWIAPLQVALLMGLIWELLQASAFCGLGFLIVLALFQAGL
GRMMMKYRDQRAGKISERLVITSEMIENIQSVKAYCWEEAMEKMIENLRQTELKLTRKAAYVRYFNSSAFFFSGFFVVFL
SVLPYALIKGIILRKIFTTISFCIVLRMAVTRQFPWAVQTWYDSLGAINKIQDFLQKQEYKTLEYNLTTTEVVMENVTAF
WEEGFGELFEKAKQNNNNRKTSNGDDSLFFSNFSLLGTPVLKDINFKIERGQLLAVAGSTGAGKTSLLMVIMGELEPSEG
KIKHSGRISFCSQFSWIMPGTIKENIIGVSYDEYRYRSVIKACQLEEDISKFAEKDNIVLGEGGITLSGGQRARISLARA
VYKDADLYLLDSPFGYLDVLTEKEIFESCVCKLMANKTRILVTSKMEHLKKADKILILHEGSSYFYGTFSELQNLQPDFS
SKLMGCDSFDQFSAERRNSILTETLHRFSLEGDAPVSWTETKKQSFKQTGEFGEKRKNSILNPINSIRKFSIVQKTPLQM
NGIEEDSDEPLERRLSLVPDSEQGEAILPRISVISTGPTLQARRRQSVLNLMTHSVNQGQNIHRKTTASTRKVSLAPQAN
LTELDIYSRRLSQETGLEISEEINEEDLKECFFDDMESIPAVTTWNTYLRYITVHKSLIFVLIWCLVIFLAEVAASLVVL
WLLGNTPLQDKGNSTHSRNNSYAVIITSTSSYYVFYIYVGVADTLLAMGFFRGLPLVHTLITVSKILHHKMLHSVLQAPM
STLNTLKAGGILNRFSKDIAILDDLLPLTIFDFIQLLLIVIGAIAVVAVLQPYIFVATVPVIVAFIMLRAYFLQTSQQLK
QLESEGRSPIFTHLVTSLKGLWTLRAFGRQPYFETLFHKALNLHTANWFLYLSTLRWFQMRIEMIFVIFFIAVTFISILT
TGEGEGRVGIILTLAMNIMSTLQWAVNSSIDVDSLMRSVSRVFKFIDMPTEGKPTKSTKPYKNGQLSKVMIIENSHVKKD
DIWPSGGQMTVKDLTAKYTEGGNAILENISFSISPGQRVGLLGRTGSGKSTLLSAFLRLLNTEGEIQIDGVSWDSITLQQ
WRKAFGVIPQKVFIFSGTFRKNLDPYEQWSDQEIWKVADEVGLRSVIEQFPGKLDFVLVDGGCVLSHGHKQLMCLARSVL
SKAKILLLDQPSAHLDPVTYQIIRRTLKQAFADCTVILCEHRIEAMLECQQFLVIEENKVRQYDSIQKLLNERSLFRQAI
SPSDRVKLFPHRNSSKCKSKPQIAALKEETEEEVQDTRL
;
_entity_poly.pdbx_strand_id   A
#
# COMPACT_ATOMS: atom_id res chain seq x y z
N ARG A 3 3.52 34.46 3.88
CA ARG A 3 3.18 33.55 4.97
C ARG A 3 4.28 32.51 5.19
N SER A 4 5.15 32.37 4.21
CA SER A 4 6.23 31.40 4.32
C SER A 4 7.35 31.96 5.19
N PRO A 5 7.70 31.29 6.30
CA PRO A 5 8.80 31.80 7.13
C PRO A 5 10.15 31.79 6.45
N LEU A 6 10.31 31.02 5.37
CA LEU A 6 11.59 30.98 4.68
C LEU A 6 11.98 32.33 4.09
N GLU A 7 11.02 33.03 3.49
CA GLU A 7 11.30 34.36 2.96
C GLU A 7 11.57 35.37 4.07
N LYS A 8 10.83 35.28 5.17
CA LYS A 8 11.04 36.17 6.31
C LYS A 8 12.02 35.55 7.31
N ALA A 9 13.20 35.20 6.79
CA ALA A 9 14.25 34.57 7.59
C ALA A 9 15.58 35.22 7.24
N SER A 10 16.53 35.11 8.16
CA SER A 10 17.84 35.71 8.01
C SER A 10 18.81 34.72 7.37
N VAL A 11 19.93 35.25 6.88
CA VAL A 11 20.96 34.41 6.27
C VAL A 11 21.56 33.47 7.29
N VAL A 12 21.70 33.92 8.54
CA VAL A 12 22.26 33.06 9.58
C VAL A 12 21.34 31.87 9.84
N SER A 13 20.02 32.07 9.76
CA SER A 13 19.09 30.97 9.94
C SER A 13 19.24 29.91 8.85
N LYS A 14 19.66 30.30 7.65
CA LYS A 14 19.90 29.33 6.60
C LYS A 14 21.14 28.49 6.88
N LEU A 15 22.18 29.08 7.48
CA LEU A 15 23.38 28.33 7.78
C LEU A 15 23.23 27.51 9.07
N PHE A 16 22.55 28.06 10.07
CA PHE A 16 22.36 27.39 11.34
C PHE A 16 21.11 26.54 11.39
N PHE A 17 20.36 26.45 10.28
CA PHE A 17 19.11 25.70 10.22
C PHE A 17 18.09 26.22 11.23
N SER A 18 18.21 27.50 11.60
CA SER A 18 17.29 28.10 12.57
C SER A 18 15.89 28.31 12.02
N TRP A 19 15.70 28.15 10.71
CA TRP A 19 14.37 28.33 10.14
C TRP A 19 13.37 27.32 10.70
N THR A 20 13.79 26.07 10.87
CA THR A 20 12.94 25.04 11.45
C THR A 20 13.08 24.94 12.96
N ARG A 21 14.00 25.69 13.57
CA ARG A 21 14.21 25.66 15.01
C ARG A 21 12.95 26.11 15.74
N PRO A 22 12.35 27.22 15.34
CA PRO A 22 11.14 27.68 16.05
C PRO A 22 9.93 26.80 15.80
N ILE A 23 9.72 26.35 14.56
CA ILE A 23 8.57 25.52 14.26
C ILE A 23 8.64 24.19 15.02
N LEU A 24 9.81 23.57 15.05
CA LEU A 24 9.97 22.33 15.81
C LEU A 24 9.81 22.56 17.30
N ARG A 25 10.33 23.68 17.82
CA ARG A 25 10.20 23.97 19.24
C ARG A 25 8.74 24.14 19.64
N LYS A 26 7.95 24.83 18.82
CA LYS A 26 6.53 25.01 19.12
C LYS A 26 5.79 23.68 19.05
N GLY A 27 6.18 22.80 18.12
CA GLY A 27 5.56 21.50 18.00
C GLY A 27 5.93 20.51 19.09
N TYR A 28 7.00 20.78 19.83
CA TYR A 28 7.41 19.87 20.89
C TYR A 28 6.43 19.86 22.06
N ARG A 29 5.84 21.02 22.38
CA ARG A 29 4.91 21.10 23.50
C ARG A 29 3.52 20.64 23.11
N GLN A 30 2.92 21.30 22.12
CA GLN A 30 1.56 20.99 21.69
C GLN A 30 1.56 19.82 20.71
N ARG A 31 0.37 19.33 20.40
CA ARG A 31 0.22 18.23 19.46
C ARG A 31 0.49 18.71 18.03
N LEU A 32 0.64 17.74 17.13
CA LEU A 32 0.93 18.02 15.72
C LEU A 32 -0.36 18.48 15.04
N GLU A 33 -0.61 19.79 15.14
CA GLU A 33 -1.80 20.37 14.54
C GLU A 33 -1.69 20.32 13.02
N LEU A 34 -2.81 20.00 12.37
CA LEU A 34 -2.84 19.95 10.91
C LEU A 34 -2.59 21.33 10.29
N SER A 35 -2.93 22.40 11.00
CA SER A 35 -2.73 23.75 10.49
C SER A 35 -1.32 24.26 10.73
N ASP A 36 -0.47 23.49 11.42
CA ASP A 36 0.89 23.94 11.72
C ASP A 36 1.79 23.97 10.49
N ILE A 37 1.34 23.41 9.36
CA ILE A 37 2.18 23.38 8.16
C ILE A 37 2.37 24.80 7.64
N TYR A 38 3.62 25.18 7.44
CA TYR A 38 3.93 26.52 6.95
C TYR A 38 3.62 26.63 5.46
N GLN A 39 3.60 27.87 4.98
CA GLN A 39 3.31 28.11 3.57
C GLN A 39 4.47 27.63 2.70
N ILE A 40 4.12 27.11 1.52
CA ILE A 40 5.10 26.62 0.56
C ILE A 40 5.82 27.81 -0.06
N PRO A 41 7.03 27.61 -0.60
CA PRO A 41 7.73 28.74 -1.23
C PRO A 41 6.98 29.26 -2.44
N SER A 42 7.14 30.57 -2.70
CA SER A 42 6.46 31.19 -3.83
C SER A 42 6.88 30.56 -5.15
N VAL A 43 8.19 30.29 -5.31
CA VAL A 43 8.66 29.60 -6.51
C VAL A 43 8.13 28.17 -6.56
N ASP A 44 7.90 27.56 -5.41
CA ASP A 44 7.42 26.18 -5.32
C ASP A 44 5.94 26.04 -5.65
N SER A 45 5.31 27.09 -6.18
CA SER A 45 3.90 27.00 -6.55
C SER A 45 3.69 25.93 -7.62
N ALA A 46 2.63 25.15 -7.48
CA ALA A 46 2.36 24.08 -8.43
C ALA A 46 2.09 24.63 -9.82
N ASP A 47 1.28 25.69 -9.92
CA ASP A 47 0.99 26.28 -11.22
C ASP A 47 2.23 26.92 -11.84
N ASN A 48 3.03 27.63 -11.03
CA ASN A 48 4.24 28.27 -11.55
C ASN A 48 5.23 27.24 -12.08
N LEU A 49 5.44 26.16 -11.34
CA LEU A 49 6.37 25.12 -11.80
C LEU A 49 5.83 24.41 -13.03
N SER A 50 4.51 24.21 -13.10
CA SER A 50 3.92 23.52 -14.24
C SER A 50 4.08 24.31 -15.53
N GLU A 51 3.96 25.64 -15.46
CA GLU A 51 4.07 26.45 -16.67
C GLU A 51 5.46 26.35 -17.28
N LYS A 52 6.51 26.37 -16.46
CA LYS A 52 7.86 26.27 -16.97
C LYS A 52 8.10 24.94 -17.66
N LEU A 53 7.63 23.84 -17.07
CA LEU A 53 7.81 22.53 -17.69
C LEU A 53 6.95 22.38 -18.93
N GLU A 54 5.78 23.04 -18.95
CA GLU A 54 4.90 22.94 -20.10
C GLU A 54 5.55 23.54 -21.35
N ARG A 55 6.23 24.68 -21.21
CA ARG A 55 6.89 25.29 -22.36
C ARG A 55 8.01 24.41 -22.89
N GLU A 56 8.81 23.84 -21.98
CA GLU A 56 9.90 22.97 -22.41
C GLU A 56 9.36 21.70 -23.08
N TRP A 57 8.31 21.11 -22.52
CA TRP A 57 7.75 19.90 -23.10
C TRP A 57 7.20 20.17 -24.50
N ASP A 58 6.50 21.29 -24.69
CA ASP A 58 6.05 21.67 -26.02
C ASP A 58 7.24 21.95 -26.94
N ARG A 59 8.26 22.64 -26.42
CA ARG A 59 9.45 22.93 -27.21
C ARG A 59 10.21 21.66 -27.54
N GLU A 60 10.25 20.69 -26.61
CA GLU A 60 10.96 19.45 -26.86
C GLU A 60 10.35 18.69 -28.03
N LEU A 61 9.02 18.58 -28.07
CA LEU A 61 8.36 17.98 -29.21
C LEU A 61 8.59 18.79 -30.48
N ALA A 62 8.51 20.12 -30.37
CA ALA A 62 8.75 20.98 -31.52
C ALA A 62 10.21 21.06 -31.93
N SER A 63 11.12 20.59 -31.07
CA SER A 63 12.54 20.65 -31.42
C SER A 63 12.87 19.75 -32.61
N LYS A 64 12.44 18.50 -32.57
CA LYS A 64 12.71 17.55 -33.64
C LYS A 64 11.79 16.35 -33.48
N LYS A 65 11.87 15.43 -34.44
CA LYS A 65 11.06 14.22 -34.39
C LYS A 65 11.40 13.35 -33.19
N ASN A 66 12.69 13.20 -32.87
CA ASN A 66 13.12 12.41 -31.72
C ASN A 66 12.55 12.99 -30.43
N PRO A 67 12.60 14.33 -30.25
CA PRO A 67 12.01 14.96 -29.06
C PRO A 67 12.46 14.34 -27.75
N LYS A 68 13.72 14.53 -27.39
CA LYS A 68 14.25 14.01 -26.14
C LYS A 68 13.74 14.82 -24.96
N LEU A 69 12.69 14.30 -24.29
CA LEU A 69 12.11 15.01 -23.16
C LEU A 69 13.08 15.11 -21.99
N ILE A 70 14.01 14.15 -21.88
CA ILE A 70 15.00 14.20 -20.81
C ILE A 70 15.87 15.45 -20.94
N ASN A 71 16.25 15.80 -22.17
CA ASN A 71 17.03 17.01 -22.37
C ASN A 71 16.26 18.27 -21.97
N ALA A 72 14.96 18.31 -22.26
CA ALA A 72 14.16 19.46 -21.88
C ALA A 72 14.09 19.63 -20.37
N LEU A 73 13.96 18.51 -19.64
CA LEU A 73 13.99 18.58 -18.18
C LEU A 73 15.32 19.10 -17.67
N ARG A 74 16.42 18.63 -18.28
CA ARG A 74 17.74 19.16 -17.91
C ARG A 74 17.92 20.58 -18.42
N ARG A 75 17.23 20.94 -19.51
CA ARG A 75 17.43 22.25 -20.12
C ARG A 75 17.09 23.38 -19.16
N CYS A 76 15.99 23.27 -18.42
CA CYS A 76 15.59 24.30 -17.48
C CYS A 76 16.14 24.09 -16.08
N PHE A 77 16.80 22.96 -15.82
CA PHE A 77 17.28 22.66 -14.48
C PHE A 77 18.67 22.04 -14.48
N PHE A 78 19.61 22.61 -15.25
CA PHE A 78 20.97 22.13 -15.29
C PHE A 78 21.91 22.99 -14.47
N TRP A 79 21.99 24.29 -14.76
CA TRP A 79 22.87 25.17 -14.01
C TRP A 79 22.35 25.45 -12.60
N ARG A 80 21.10 25.09 -12.32
CA ARG A 80 20.58 25.22 -10.96
C ARG A 80 21.32 24.31 -9.98
N PHE A 81 21.65 23.09 -10.42
CA PHE A 81 22.40 22.16 -9.59
C PHE A 81 23.83 21.97 -10.06
N MET A 82 24.20 22.51 -11.21
CA MET A 82 25.58 22.41 -11.67
C MET A 82 26.53 23.11 -10.71
N PHE A 83 26.14 24.28 -10.18
CA PHE A 83 26.95 24.95 -9.17
C PHE A 83 27.01 24.13 -7.90
N TYR A 84 25.89 23.50 -7.52
CA TYR A 84 25.89 22.65 -6.33
C TYR A 84 26.83 21.47 -6.47
N GLY A 85 26.87 20.84 -7.65
CA GLY A 85 27.78 19.74 -7.87
C GLY A 85 29.24 20.12 -7.76
N ILE A 86 29.61 21.28 -8.30
CA ILE A 86 30.99 21.74 -8.20
C ILE A 86 31.33 22.12 -6.76
N PHE A 87 30.41 22.82 -6.09
CA PHE A 87 30.64 23.20 -4.71
C PHE A 87 30.76 21.99 -3.80
N LEU A 88 29.91 20.98 -4.02
CA LEU A 88 29.99 19.75 -3.23
C LEU A 88 31.31 19.03 -3.46
N TYR A 89 31.79 19.00 -4.70
CA TYR A 89 33.07 18.35 -4.99
C TYR A 89 34.22 19.05 -4.28
N LEU A 90 34.18 20.38 -4.18
CA LEU A 90 35.22 21.10 -3.44
C LEU A 90 35.23 20.70 -1.97
N GLY A 91 34.06 20.57 -1.36
CA GLY A 91 33.98 20.14 0.02
C GLY A 91 34.48 18.72 0.23
N GLU A 92 34.16 17.82 -0.69
CA GLU A 92 34.61 16.44 -0.57
C GLU A 92 36.13 16.36 -0.64
N VAL A 93 36.74 17.15 -1.51
CA VAL A 93 38.20 17.15 -1.63
C VAL A 93 38.84 17.66 -0.33
N THR A 94 38.18 18.61 0.34
CA THR A 94 38.73 19.17 1.57
C THR A 94 38.87 18.10 2.65
N LYS A 95 37.89 17.21 2.76
CA LYS A 95 37.97 16.14 3.76
C LYS A 95 39.16 15.23 3.51
N ALA A 96 39.56 15.08 2.25
CA ALA A 96 40.71 14.23 1.94
C ALA A 96 42.02 14.89 2.33
N VAL A 97 42.12 16.21 2.12
CA VAL A 97 43.37 16.91 2.41
C VAL A 97 43.66 16.95 3.90
N GLN A 98 42.67 16.72 4.75
CA GLN A 98 42.90 16.74 6.20
C GLN A 98 43.95 15.72 6.65
N PRO A 99 43.97 14.49 6.14
CA PRO A 99 44.98 13.53 6.62
C PRO A 99 46.41 14.00 6.41
N LEU A 100 46.69 14.73 5.33
CA LEU A 100 48.05 15.22 5.10
C LEU A 100 48.46 16.19 6.20
N LEU A 101 47.56 17.09 6.60
CA LEU A 101 47.87 18.01 7.69
C LEU A 101 48.06 17.28 9.02
N LEU A 102 47.27 16.23 9.26
CA LEU A 102 47.39 15.48 10.50
C LEU A 102 48.73 14.76 10.60
N GLY A 103 49.36 14.46 9.46
CA GLY A 103 50.65 13.81 9.48
C GLY A 103 51.79 14.70 9.93
N ARG A 104 51.63 16.02 9.80
CA ARG A 104 52.66 16.94 10.28
C ARG A 104 52.81 16.86 11.79
N ILE A 105 51.69 16.75 12.50
CA ILE A 105 51.74 16.63 13.96
C ILE A 105 52.45 15.36 14.41
N ILE A 106 52.43 14.31 13.57
CA ILE A 106 53.12 13.08 13.93
C ILE A 106 54.62 13.29 14.06
N ALA A 107 55.19 14.24 13.32
CA ALA A 107 56.61 14.54 13.43
C ALA A 107 56.98 15.15 14.78
N SER A 108 56.01 15.64 15.54
CA SER A 108 56.28 16.21 16.85
C SER A 108 55.60 15.39 17.95
N SER A 118 53.80 23.29 20.90
CA SER A 118 54.79 24.21 20.35
C SER A 118 54.28 24.83 19.04
N ILE A 119 55.14 24.81 18.02
CA ILE A 119 54.75 25.36 16.72
C ILE A 119 53.63 24.55 16.09
N ALA A 120 53.47 23.29 16.46
CA ALA A 120 52.41 22.46 15.91
C ALA A 120 51.02 22.92 16.33
N ILE A 121 50.92 23.82 17.31
CA ILE A 121 49.62 24.34 17.73
C ILE A 121 48.95 25.08 16.59
N TYR A 122 49.75 25.70 15.71
CA TYR A 122 49.18 26.38 14.54
C TYR A 122 48.43 25.41 13.65
N LEU A 123 48.89 24.16 13.55
CA LEU A 123 48.19 23.15 12.77
C LEU A 123 46.92 22.67 13.45
N GLY A 124 46.83 22.74 14.78
CA GLY A 124 45.63 22.33 15.46
C GLY A 124 44.42 23.19 15.12
N ILE A 125 44.62 24.49 14.98
CA ILE A 125 43.53 25.37 14.57
C ILE A 125 43.07 25.04 13.15
N GLY A 126 44.01 24.79 12.24
CA GLY A 126 43.64 24.44 10.88
C GLY A 126 42.86 23.15 10.78
N LEU A 127 43.20 22.16 11.61
CA LEU A 127 42.45 20.91 11.63
C LEU A 127 41.00 21.15 12.05
N CYS A 128 40.80 21.97 13.09
CA CYS A 128 39.45 22.32 13.49
C CYS A 128 38.77 23.21 12.44
N LEU A 129 39.54 24.10 11.81
CA LEU A 129 38.98 24.98 10.80
C LEU A 129 38.47 24.20 9.58
N LEU A 130 39.20 23.16 9.16
CA LEU A 130 38.79 22.38 7.99
C LEU A 130 37.44 21.71 8.23
N PHE A 131 37.24 21.15 9.43
CA PHE A 131 35.96 20.53 9.74
C PHE A 131 34.84 21.55 9.80
N ILE A 132 35.12 22.74 10.33
CA ILE A 132 34.10 23.77 10.43
C ILE A 132 33.62 24.21 9.06
N VAL A 133 34.56 24.43 8.13
CA VAL A 133 34.19 24.83 6.78
C VAL A 133 33.43 23.72 6.08
N ARG A 134 33.88 22.48 6.24
CA ARG A 134 33.21 21.35 5.59
C ARG A 134 31.80 21.14 6.15
N THR A 135 31.62 21.34 7.46
CA THR A 135 30.33 21.10 8.08
C THR A 135 29.25 22.03 7.51
N LEU A 136 29.59 23.31 7.34
CA LEU A 136 28.60 24.26 6.82
C LEU A 136 28.26 23.97 5.37
N LEU A 137 29.26 23.63 4.55
CA LEU A 137 29.03 23.44 3.13
C LEU A 137 28.22 22.18 2.85
N LEU A 138 28.56 21.08 3.52
CA LEU A 138 27.91 19.80 3.23
C LEU A 138 26.43 19.83 3.54
N HIS A 139 26.06 20.30 4.73
CA HIS A 139 24.67 20.34 5.15
C HIS A 139 23.87 21.28 4.25
N PRO A 140 24.35 22.51 4.02
CA PRO A 140 23.60 23.41 3.14
C PRO A 140 23.44 22.88 1.74
N ALA A 141 24.46 22.20 1.20
CA ALA A 141 24.36 21.63 -0.14
C ALA A 141 23.30 20.52 -0.18
N ILE A 142 23.24 19.70 0.86
CA ILE A 142 22.28 18.60 0.90
C ILE A 142 20.85 19.14 0.86
N PHE A 143 20.57 20.17 1.65
CA PHE A 143 19.23 20.75 1.67
C PHE A 143 18.90 21.39 0.32
N GLY A 144 19.85 22.10 -0.27
CA GLY A 144 19.63 22.73 -1.56
C GLY A 144 19.44 21.76 -2.69
N LEU A 145 20.26 20.71 -2.74
CA LEU A 145 20.17 19.73 -3.81
C LEU A 145 18.85 18.99 -3.77
N HIS A 146 18.37 18.63 -2.59
CA HIS A 146 17.12 17.88 -2.48
C HIS A 146 15.93 18.72 -2.91
N HIS A 147 16.02 20.05 -2.78
CA HIS A 147 14.90 20.91 -3.17
C HIS A 147 14.59 20.80 -4.65
N ILE A 148 15.61 20.72 -5.51
CA ILE A 148 15.38 20.61 -6.94
C ILE A 148 14.72 19.27 -7.27
N GLY A 149 15.05 18.21 -6.53
CA GLY A 149 14.42 16.93 -6.78
C GLY A 149 12.91 16.96 -6.62
N MET A 150 12.42 17.65 -5.58
CA MET A 150 10.99 17.83 -5.42
C MET A 150 10.41 18.65 -6.57
N GLN A 151 11.12 19.69 -7.00
CA GLN A 151 10.65 20.51 -8.11
C GLN A 151 10.57 19.69 -9.40
N MET A 152 11.58 18.86 -9.66
CA MET A 152 11.55 18.00 -10.85
C MET A 152 10.43 16.97 -10.75
N ARG A 153 10.24 16.39 -9.56
CA ARG A 153 9.20 15.37 -9.40
C ARG A 153 7.81 16.00 -9.49
N ILE A 154 7.64 17.22 -8.98
CA ILE A 154 6.33 17.86 -8.99
C ILE A 154 5.85 18.10 -10.41
N ALA A 155 6.73 18.61 -11.27
CA ALA A 155 6.35 18.85 -12.66
C ALA A 155 6.03 17.55 -13.39
N MET A 156 6.84 16.52 -13.17
CA MET A 156 6.58 15.23 -13.81
C MET A 156 5.27 14.62 -13.32
N PHE A 157 5.01 14.68 -12.02
CA PHE A 157 3.77 14.15 -11.48
C PHE A 157 2.55 14.92 -12.01
N SER A 158 2.66 16.25 -12.07
CA SER A 158 1.56 17.04 -12.59
C SER A 158 1.36 16.82 -14.09
N LEU A 159 2.45 16.65 -14.84
CA LEU A 159 2.34 16.43 -16.27
C LEU A 159 1.61 15.12 -16.58
N ILE A 160 1.72 14.13 -15.69
CA ILE A 160 1.01 12.87 -15.91
C ILE A 160 -0.49 13.09 -15.90
N TYR A 161 -0.98 13.99 -15.05
CA TYR A 161 -2.41 14.28 -15.01
C TYR A 161 -2.89 14.86 -16.33
N LYS A 162 -2.11 15.76 -16.93
CA LYS A 162 -2.47 16.32 -18.23
C LYS A 162 -2.52 15.24 -19.30
N LYS A 163 -1.55 14.32 -19.29
CA LYS A 163 -1.55 13.23 -20.27
C LYS A 163 -2.77 12.33 -20.08
N THR A 164 -3.11 12.01 -18.82
CA THR A 164 -4.27 11.16 -18.57
C THR A 164 -5.57 11.86 -18.93
N LEU A 165 -5.57 13.19 -18.98
CA LEU A 165 -6.77 13.95 -19.29
C LEU A 165 -7.02 14.08 -20.79
N LYS A 166 -6.09 13.63 -21.63
CA LYS A 166 -6.23 13.75 -23.08
C LYS A 166 -6.25 12.42 -23.81
N LEU A 167 -6.05 11.30 -23.12
CA LEU A 167 -6.02 9.99 -23.77
C LEU A 167 -7.41 9.62 -24.28
N SER A 168 -7.43 8.81 -25.35
CA SER A 168 -8.68 8.37 -25.93
C SER A 168 -9.12 7.02 -25.34
N SER A 169 -10.38 6.70 -25.56
CA SER A 169 -10.94 5.46 -25.02
C SER A 169 -10.32 4.23 -25.69
N ARG A 170 -9.97 4.33 -26.97
CA ARG A 170 -9.40 3.19 -27.68
C ARG A 170 -8.09 2.73 -27.06
N VAL A 171 -7.31 3.65 -26.52
CA VAL A 171 -6.05 3.31 -25.86
C VAL A 171 -6.24 3.10 -24.36
N LEU A 172 -7.09 3.91 -23.72
CA LEU A 172 -7.31 3.78 -22.29
C LEU A 172 -7.95 2.43 -21.94
N ASP A 173 -8.92 1.98 -22.74
CA ASP A 173 -9.56 0.70 -22.47
C ASP A 173 -8.62 -0.48 -22.72
N LYS A 174 -7.80 -0.40 -23.77
CA LYS A 174 -6.89 -1.50 -24.08
C LYS A 174 -5.80 -1.63 -23.02
N ILE A 175 -5.28 -0.51 -22.52
CA ILE A 175 -4.22 -0.54 -21.52
C ILE A 175 -4.83 -0.66 -20.14
N SER A 176 -4.19 -1.46 -19.29
CA SER A 176 -4.68 -1.64 -17.92
C SER A 176 -4.38 -0.40 -17.09
N ILE A 177 -5.07 -0.30 -15.95
CA ILE A 177 -4.86 0.83 -15.05
C ILE A 177 -3.44 0.80 -14.47
N GLY A 178 -2.92 -0.40 -14.20
CA GLY A 178 -1.61 -0.53 -13.61
C GLY A 178 -0.47 -0.14 -14.52
N GLN A 179 -0.74 0.10 -15.81
CA GLN A 179 0.32 0.54 -16.72
C GLN A 179 0.88 1.90 -16.29
N LEU A 180 0.01 2.83 -15.91
CA LEU A 180 0.42 4.17 -15.52
C LEU A 180 0.12 4.52 -14.08
N VAL A 181 -1.06 4.12 -13.57
CA VAL A 181 -1.41 4.44 -12.19
C VAL A 181 -0.45 3.76 -11.22
N SER A 182 -0.19 2.48 -11.43
CA SER A 182 0.77 1.78 -10.58
C SER A 182 2.19 2.31 -10.78
N LEU A 183 2.57 2.62 -12.01
CA LEU A 183 3.89 3.20 -12.26
C LEU A 183 4.02 4.59 -11.65
N LEU A 184 2.90 5.32 -11.54
CA LEU A 184 2.95 6.66 -10.95
C LEU A 184 3.35 6.59 -9.48
N SER A 185 2.83 5.62 -8.74
CA SER A 185 3.16 5.49 -7.33
C SER A 185 4.53 4.84 -7.10
N ASN A 186 5.15 4.29 -8.14
CA ASN A 186 6.46 3.68 -8.00
C ASN A 186 7.52 4.71 -7.61
N ASN A 187 7.47 5.90 -8.24
CA ASN A 187 8.43 6.96 -7.97
C ASN A 187 7.89 7.99 -6.99
N LEU A 188 7.07 7.56 -6.02
CA LEU A 188 6.54 8.49 -5.03
C LEU A 188 7.63 9.12 -4.19
N ASN A 189 8.68 8.38 -3.86
CA ASN A 189 9.78 8.93 -3.09
C ASN A 189 11.16 8.50 -3.60
N LYS A 190 11.26 7.89 -4.78
CA LYS A 190 12.55 7.43 -5.26
C LYS A 190 13.41 8.60 -5.74
N PHE A 191 12.91 9.37 -6.71
CA PHE A 191 13.71 10.44 -7.29
C PHE A 191 13.91 11.59 -6.30
N ASP A 192 12.94 11.83 -5.41
CA ASP A 192 13.04 12.94 -4.48
C ASP A 192 14.18 12.73 -3.48
N GLU A 193 14.24 11.56 -2.86
CA GLU A 193 15.27 11.30 -1.86
C GLU A 193 16.63 11.02 -2.50
N GLY A 194 16.65 10.38 -3.67
CA GLY A 194 17.87 10.00 -4.34
C GLY A 194 18.51 11.07 -5.18
N LEU A 195 17.97 12.28 -5.19
CA LEU A 195 18.52 13.34 -6.04
C LEU A 195 19.89 13.81 -5.57
N ALA A 196 20.32 13.42 -4.39
CA ALA A 196 21.59 13.89 -3.83
C ALA A 196 22.80 13.13 -4.34
N LEU A 197 22.61 12.14 -5.21
CA LEU A 197 23.71 11.35 -5.73
C LEU A 197 24.07 11.70 -7.18
N ALA A 198 23.57 12.82 -7.70
CA ALA A 198 23.85 13.19 -9.08
C ALA A 198 25.33 13.47 -9.30
N HIS A 199 25.95 14.21 -8.38
CA HIS A 199 27.34 14.63 -8.54
C HIS A 199 28.32 13.65 -7.93
N PHE A 200 27.85 12.52 -7.39
CA PHE A 200 28.77 11.55 -6.79
C PHE A 200 29.72 10.96 -7.83
N VAL A 201 29.19 10.64 -9.01
CA VAL A 201 30.04 10.06 -10.06
C VAL A 201 31.10 11.06 -10.52
N TRP A 202 30.71 12.30 -10.73
CA TRP A 202 31.67 13.32 -11.14
C TRP A 202 32.73 13.56 -10.07
N ILE A 203 32.31 13.59 -8.80
CA ILE A 203 33.26 13.76 -7.71
C ILE A 203 34.15 12.53 -7.59
N ALA A 204 33.60 11.34 -7.85
CA ALA A 204 34.39 10.12 -7.73
C ALA A 204 35.61 10.10 -8.65
N PRO A 205 35.53 10.52 -9.92
CA PRO A 205 36.72 10.46 -10.78
C PRO A 205 37.85 11.34 -10.28
N LEU A 206 37.55 12.61 -9.98
CA LEU A 206 38.57 13.52 -9.49
C LEU A 206 39.12 13.08 -8.15
N GLN A 207 38.25 12.63 -7.23
CA GLN A 207 38.69 12.22 -5.91
C GLN A 207 39.59 10.98 -5.99
N VAL A 208 39.24 10.02 -6.85
CA VAL A 208 40.03 8.79 -6.95
C VAL A 208 41.44 9.10 -7.41
N ALA A 209 41.59 9.94 -8.43
CA ALA A 209 42.92 10.31 -8.89
C ALA A 209 43.68 11.11 -7.82
N LEU A 210 43.00 12.06 -7.17
CA LEU A 210 43.65 12.86 -6.14
C LEU A 210 44.06 12.00 -4.94
N LEU A 211 43.17 11.11 -4.49
CA LEU A 211 43.50 10.23 -3.38
C LEU A 211 44.66 9.29 -3.74
N MET A 212 44.63 8.72 -4.94
CA MET A 212 45.74 7.90 -5.39
C MET A 212 47.01 8.73 -5.56
N GLY A 213 46.88 9.97 -6.02
CA GLY A 213 48.03 10.84 -6.15
C GLY A 213 48.72 11.13 -4.84
N LEU A 214 47.95 11.39 -3.79
CA LEU A 214 48.55 11.58 -2.46
C LEU A 214 49.07 10.26 -1.91
N ILE A 215 48.43 9.15 -2.26
CA ILE A 215 48.94 7.84 -1.87
C ILE A 215 50.22 7.54 -2.62
N TRP A 216 50.27 7.84 -3.92
CA TRP A 216 51.49 7.64 -4.70
C TRP A 216 52.60 8.60 -4.26
N GLU A 217 52.25 9.80 -3.78
CA GLU A 217 53.26 10.72 -3.30
C GLU A 217 54.08 10.16 -2.14
N LEU A 218 53.54 9.16 -1.43
CA LEU A 218 54.26 8.53 -0.33
C LEU A 218 55.18 7.42 -0.78
N LEU A 219 54.72 6.53 -1.67
CA LEU A 219 55.53 5.39 -2.07
C LEU A 219 55.68 5.31 -3.58
N GLN A 220 54.60 5.57 -4.31
CA GLN A 220 54.56 5.53 -5.78
C GLN A 220 54.88 4.13 -6.30
N ALA A 221 54.87 3.13 -5.41
CA ALA A 221 55.12 1.75 -5.78
C ALA A 221 53.92 0.85 -5.53
N SER A 222 53.37 0.87 -4.32
CA SER A 222 52.26 0.01 -3.95
C SER A 222 50.90 0.67 -4.16
N ALA A 223 50.84 1.70 -5.01
CA ALA A 223 49.56 2.36 -5.26
C ALA A 223 48.57 1.43 -5.94
N PHE A 224 49.03 0.62 -6.90
CA PHE A 224 48.15 -0.31 -7.59
C PHE A 224 47.65 -1.43 -6.70
N CYS A 225 48.36 -1.73 -5.62
CA CYS A 225 47.93 -2.80 -4.72
C CYS A 225 46.61 -2.46 -4.05
N GLY A 226 46.46 -1.21 -3.59
CA GLY A 226 45.21 -0.81 -2.95
C GLY A 226 44.03 -0.79 -3.89
N LEU A 227 44.22 -0.30 -5.11
CA LEU A 227 43.12 -0.25 -6.07
C LEU A 227 42.67 -1.66 -6.48
N GLY A 228 43.62 -2.58 -6.64
CA GLY A 228 43.27 -3.94 -7.02
C GLY A 228 42.42 -4.66 -6.00
N PHE A 229 42.74 -4.49 -4.72
CA PHE A 229 41.94 -5.13 -3.67
C PHE A 229 40.51 -4.61 -3.66
N LEU A 230 40.33 -3.30 -3.84
CA LEU A 230 38.99 -2.73 -3.88
C LEU A 230 38.20 -3.25 -5.08
N ILE A 231 38.87 -3.37 -6.23
CA ILE A 231 38.18 -3.86 -7.43
C ILE A 231 37.73 -5.29 -7.24
N VAL A 232 38.59 -6.13 -6.65
CA VAL A 232 38.25 -7.53 -6.43
C VAL A 232 37.06 -7.64 -5.49
N LEU A 233 37.06 -6.87 -4.40
CA LEU A 233 35.95 -6.89 -3.46
C LEU A 233 34.67 -6.36 -4.11
N ALA A 234 34.78 -5.33 -4.94
CA ALA A 234 33.61 -4.76 -5.59
C ALA A 234 32.93 -5.79 -6.50
N LEU A 235 33.73 -6.55 -7.27
CA LEU A 235 33.16 -7.59 -8.12
C LEU A 235 32.49 -8.68 -7.28
N PHE A 236 33.12 -9.07 -6.17
CA PHE A 236 32.53 -10.07 -5.30
C PHE A 236 31.23 -9.56 -4.66
N GLN A 237 31.22 -8.29 -4.25
CA GLN A 237 30.02 -7.72 -3.64
C GLN A 237 28.87 -7.66 -4.65
N ALA A 238 29.16 -7.27 -5.89
CA ALA A 238 28.11 -7.19 -6.90
C ALA A 238 27.55 -8.56 -7.24
N GLY A 239 28.41 -9.59 -7.28
CA GLY A 239 27.95 -10.92 -7.62
C GLY A 239 26.95 -11.49 -6.63
N LEU A 240 27.13 -11.17 -5.34
CA LEU A 240 26.18 -11.63 -4.33
C LEU A 240 24.80 -11.01 -4.55
N GLY A 241 24.74 -9.73 -4.92
CA GLY A 241 23.46 -9.09 -5.16
C GLY A 241 22.67 -9.72 -6.28
N ARG A 242 23.35 -10.20 -7.33
CA ARG A 242 22.66 -10.88 -8.41
C ARG A 242 21.97 -12.15 -7.92
N MET A 243 22.66 -12.94 -7.11
CA MET A 243 22.03 -14.12 -6.50
C MET A 243 20.96 -13.71 -5.50
N MET A 244 21.22 -12.64 -4.73
CA MET A 244 20.25 -12.19 -3.74
C MET A 244 18.96 -11.70 -4.41
N MET A 245 19.08 -10.90 -5.47
CA MET A 245 17.90 -10.43 -6.17
C MET A 245 17.15 -11.59 -6.81
N LYS A 246 17.86 -12.54 -7.42
CA LYS A 246 17.21 -13.72 -7.99
C LYS A 246 16.54 -14.56 -6.90
N TYR A 247 17.20 -14.72 -5.76
CA TYR A 247 16.59 -15.46 -4.65
C TYR A 247 15.33 -14.78 -4.14
N ARG A 248 15.37 -13.45 -4.01
CA ARG A 248 14.16 -12.72 -3.63
C ARG A 248 13.08 -12.86 -4.68
N ASP A 249 13.46 -12.82 -5.96
CA ASP A 249 12.50 -13.05 -7.02
C ASP A 249 11.93 -14.47 -6.98
N GLN A 250 12.77 -15.46 -6.68
CA GLN A 250 12.29 -16.83 -6.54
C GLN A 250 11.32 -16.95 -5.36
N ARG A 251 11.48 -16.12 -4.35
CA ARG A 251 10.59 -16.15 -3.19
C ARG A 251 9.22 -15.55 -3.50
N ALA A 252 9.07 -14.87 -4.64
CA ALA A 252 7.79 -14.27 -4.98
C ALA A 252 6.73 -15.34 -5.23
N GLY A 253 7.09 -16.45 -5.86
CA GLY A 253 6.14 -17.51 -6.14
C GLY A 253 5.52 -18.10 -4.89
N LYS A 254 6.33 -18.33 -3.86
CA LYS A 254 5.80 -18.85 -2.60
C LYS A 254 4.96 -17.81 -1.87
N ILE A 255 5.34 -16.53 -1.98
CA ILE A 255 4.58 -15.48 -1.32
C ILE A 255 3.18 -15.36 -1.91
N SER A 256 3.08 -15.45 -3.24
CA SER A 256 1.77 -15.35 -3.89
C SER A 256 0.85 -16.49 -3.49
N GLU A 257 1.38 -17.70 -3.39
CA GLU A 257 0.56 -18.85 -3.01
C GLU A 257 0.03 -18.70 -1.59
N ARG A 258 0.87 -18.26 -0.66
CA ARG A 258 0.42 -18.08 0.72
C ARG A 258 -0.58 -16.94 0.84
N LEU A 259 -0.39 -15.88 0.06
CA LEU A 259 -1.29 -14.73 0.15
C LEU A 259 -2.71 -15.08 -0.26
N VAL A 260 -2.88 -15.91 -1.29
CA VAL A 260 -4.22 -16.29 -1.73
C VAL A 260 -4.93 -17.08 -0.64
N ILE A 261 -4.22 -18.01 0.00
CA ILE A 261 -4.82 -18.81 1.07
C ILE A 261 -5.19 -17.92 2.25
N THR A 262 -4.32 -16.97 2.60
CA THR A 262 -4.61 -16.05 3.70
C THR A 262 -5.84 -15.21 3.39
N SER A 263 -5.97 -14.72 2.15
CA SER A 263 -7.15 -13.95 1.78
C SER A 263 -8.41 -14.79 1.86
N GLU A 264 -8.34 -16.06 1.46
CA GLU A 264 -9.49 -16.94 1.55
C GLU A 264 -9.95 -17.13 3.00
N MET A 265 -9.00 -17.34 3.90
CA MET A 265 -9.35 -17.51 5.32
C MET A 265 -9.90 -16.20 5.90
N ILE A 266 -9.29 -15.07 5.56
CA ILE A 266 -9.74 -13.79 6.10
C ILE A 266 -11.14 -13.46 5.61
N GLU A 267 -11.40 -13.64 4.30
CA GLU A 267 -12.70 -13.31 3.75
C GLU A 267 -13.78 -14.26 4.26
N ASN A 268 -13.45 -15.54 4.41
CA ASN A 268 -14.41 -16.56 4.82
C ASN A 268 -14.23 -16.95 6.28
N ILE A 269 -13.95 -15.98 7.15
CA ILE A 269 -13.75 -16.27 8.56
C ILE A 269 -15.03 -16.84 9.17
N GLN A 270 -16.18 -16.30 8.79
CA GLN A 270 -17.45 -16.79 9.31
C GLN A 270 -17.68 -18.24 8.93
N SER A 271 -17.41 -18.60 7.67
CA SER A 271 -17.55 -19.98 7.25
C SER A 271 -16.50 -20.88 7.88
N VAL A 272 -15.28 -20.38 8.06
CA VAL A 272 -14.22 -21.17 8.65
C VAL A 272 -14.56 -21.56 10.08
N LYS A 273 -15.12 -20.63 10.85
CA LYS A 273 -15.54 -20.94 12.21
C LYS A 273 -16.65 -22.01 12.21
N ALA A 274 -17.60 -21.89 11.29
CA ALA A 274 -18.65 -22.91 11.18
C ALA A 274 -18.08 -24.23 10.67
N TYR A 275 -17.05 -24.17 9.83
CA TYR A 275 -16.46 -25.39 9.28
C TYR A 275 -15.80 -26.25 10.35
N CYS A 276 -15.45 -25.67 11.50
CA CYS A 276 -14.81 -26.40 12.59
C CYS A 276 -13.52 -27.08 12.13
N TRP A 277 -12.77 -26.40 11.26
CA TRP A 277 -11.51 -26.91 10.73
C TRP A 277 -10.44 -25.82 10.72
N GLU A 278 -10.47 -24.94 11.73
CA GLU A 278 -9.48 -23.86 11.80
C GLU A 278 -8.07 -24.41 11.95
N GLU A 279 -7.89 -25.45 12.76
CA GLU A 279 -6.57 -26.06 12.92
C GLU A 279 -6.08 -26.68 11.61
N ALA A 280 -6.99 -27.28 10.82
CA ALA A 280 -6.61 -27.81 9.53
C ALA A 280 -6.14 -26.71 8.58
N MET A 281 -6.83 -25.56 8.58
CA MET A 281 -6.39 -24.44 7.75
C MET A 281 -5.06 -23.89 8.24
N GLU A 282 -4.84 -23.87 9.55
CA GLU A 282 -3.55 -23.42 10.09
C GLU A 282 -2.42 -24.33 9.64
N LYS A 283 -2.65 -25.65 9.63
CA LYS A 283 -1.62 -26.58 9.19
C LYS A 283 -1.33 -26.42 7.71
N MET A 284 -2.34 -26.07 6.91
CA MET A 284 -2.14 -25.90 5.48
C MET A 284 -1.19 -24.75 5.19
N ILE A 285 -1.34 -23.63 5.90
CA ILE A 285 -0.47 -22.48 5.68
C ILE A 285 0.94 -22.78 6.20
N GLU A 286 1.04 -23.63 7.23
CA GLU A 286 2.34 -23.91 7.84
C GLU A 286 3.30 -24.58 6.86
N ASN A 287 2.80 -25.53 6.05
CA ASN A 287 3.67 -26.23 5.11
C ASN A 287 4.26 -25.28 4.08
N LEU A 288 3.44 -24.36 3.56
CA LEU A 288 3.93 -23.43 2.55
C LEU A 288 4.92 -22.43 3.15
N ARG A 289 4.67 -22.00 4.40
CA ARG A 289 5.53 -21.00 5.00
C ARG A 289 6.93 -21.53 5.28
N GLN A 290 7.04 -22.81 5.65
CA GLN A 290 8.35 -23.39 5.96
C GLN A 290 9.29 -23.36 4.76
N THR A 291 8.78 -23.76 3.59
CA THR A 291 9.60 -23.72 2.38
C THR A 291 9.98 -22.30 2.01
N GLU A 292 9.04 -21.35 2.16
CA GLU A 292 9.34 -19.95 1.86
C GLU A 292 10.40 -19.40 2.80
N LEU A 293 10.32 -19.74 4.08
CA LEU A 293 11.30 -19.25 5.05
C LEU A 293 12.69 -19.78 4.76
N LYS A 294 12.78 -20.98 4.16
CA LYS A 294 14.09 -21.52 3.82
C LYS A 294 14.81 -20.66 2.80
N LEU A 295 14.08 -20.16 1.79
CA LEU A 295 14.69 -19.29 0.80
C LEU A 295 15.11 -17.96 1.42
N THR A 296 14.25 -17.37 2.24
CA THR A 296 14.56 -16.08 2.85
C THR A 296 15.75 -16.18 3.79
N ARG A 297 15.83 -17.25 4.58
CA ARG A 297 16.97 -17.43 5.48
C ARG A 297 18.27 -17.59 4.70
N LYS A 298 18.24 -18.37 3.62
CA LYS A 298 19.45 -18.54 2.81
C LYS A 298 19.80 -17.26 2.06
N ALA A 299 18.80 -16.58 1.49
CA ALA A 299 19.05 -15.36 0.75
C ALA A 299 19.62 -14.27 1.64
N ALA A 300 19.06 -14.11 2.85
CA ALA A 300 19.59 -13.13 3.78
C ALA A 300 20.99 -13.49 4.24
N TYR A 301 21.29 -14.79 4.36
CA TYR A 301 22.63 -15.21 4.75
C TYR A 301 23.67 -14.77 3.71
N VAL A 302 23.32 -14.86 2.42
CA VAL A 302 24.21 -14.38 1.38
C VAL A 302 24.44 -12.88 1.50
N ARG A 303 23.36 -12.12 1.74
CA ARG A 303 23.50 -10.68 1.93
C ARG A 303 24.29 -10.37 3.21
N TYR A 304 24.06 -11.14 4.27
CA TYR A 304 24.79 -10.93 5.51
C TYR A 304 26.29 -11.14 5.33
N PHE A 305 26.68 -12.21 4.63
CA PHE A 305 28.08 -12.43 4.35
C PHE A 305 28.65 -11.32 3.48
N ASN A 306 27.91 -10.89 2.47
CA ASN A 306 28.37 -9.82 1.60
C ASN A 306 28.46 -8.49 2.34
N SER A 307 27.50 -8.21 3.23
CA SER A 307 27.52 -6.96 3.97
C SER A 307 28.72 -6.85 4.88
N SER A 308 29.26 -7.99 5.34
CA SER A 308 30.41 -7.98 6.23
C SER A 308 31.71 -7.60 5.52
N ALA A 309 31.69 -7.49 4.18
CA ALA A 309 32.92 -7.22 3.45
C ALA A 309 33.52 -5.87 3.84
N PHE A 310 32.71 -4.81 3.86
CA PHE A 310 33.24 -3.48 4.15
C PHE A 310 33.82 -3.38 5.54
N PHE A 311 33.15 -3.96 6.54
CA PHE A 311 33.64 -3.87 7.91
C PHE A 311 34.94 -4.61 8.11
N PHE A 312 35.22 -5.61 7.28
CA PHE A 312 36.42 -6.43 7.39
C PHE A 312 37.27 -6.32 6.13
N SER A 313 37.41 -5.10 5.62
CA SER A 313 38.20 -4.86 4.41
C SER A 313 39.38 -3.93 4.63
N GLY A 314 39.25 -2.90 5.47
CA GLY A 314 40.31 -1.93 5.62
C GLY A 314 41.60 -2.53 6.15
N PHE A 315 41.49 -3.38 7.17
CA PHE A 315 42.67 -3.97 7.78
C PHE A 315 43.41 -4.86 6.79
N PHE A 316 42.68 -5.68 6.04
CA PHE A 316 43.33 -6.58 5.09
C PHE A 316 43.92 -5.82 3.90
N VAL A 317 43.19 -4.83 3.39
CA VAL A 317 43.67 -4.08 2.23
C VAL A 317 44.88 -3.23 2.59
N VAL A 318 44.82 -2.52 3.72
CA VAL A 318 45.91 -1.63 4.10
C VAL A 318 47.18 -2.42 4.38
N PHE A 319 47.06 -3.54 5.07
CA PHE A 319 48.24 -4.35 5.39
C PHE A 319 48.89 -4.89 4.12
N LEU A 320 48.09 -5.28 3.13
CA LEU A 320 48.65 -5.78 1.88
C LEU A 320 49.43 -4.69 1.15
N SER A 321 48.87 -3.48 1.05
CA SER A 321 49.55 -2.40 0.36
C SER A 321 50.80 -1.97 1.12
N VAL A 322 50.74 -1.94 2.44
CA VAL A 322 51.87 -1.50 3.25
C VAL A 322 53.07 -2.43 3.06
N LEU A 323 52.81 -3.74 3.03
CA LEU A 323 53.90 -4.70 2.88
C LEU A 323 54.73 -4.48 1.63
N PRO A 324 54.14 -4.21 0.45
CA PRO A 324 54.98 -3.98 -0.73
C PRO A 324 55.95 -2.84 -0.57
N TYR A 325 55.54 -1.75 0.10
CA TYR A 325 56.46 -0.64 0.34
C TYR A 325 57.44 -0.96 1.45
N ALA A 326 56.99 -1.72 2.46
CA ALA A 326 57.88 -2.09 3.56
C ALA A 326 58.96 -3.09 3.14
N LEU A 327 58.76 -3.78 2.01
CA LEU A 327 59.75 -4.76 1.56
C LEU A 327 61.09 -4.10 1.25
N ILE A 328 61.07 -2.95 0.57
CA ILE A 328 62.32 -2.24 0.30
C ILE A 328 62.93 -1.71 1.58
N LYS A 329 62.11 -1.12 2.45
CA LYS A 329 62.55 -0.60 3.73
C LYS A 329 61.34 -0.30 4.59
N GLY A 330 61.46 -0.56 5.89
CA GLY A 330 60.40 -0.29 6.82
C GLY A 330 60.26 1.19 7.12
N ILE A 331 59.19 1.81 6.60
CA ILE A 331 59.02 3.25 6.77
C ILE A 331 58.55 3.56 8.20
N ILE A 332 58.67 4.84 8.56
CA ILE A 332 58.25 5.28 9.88
C ILE A 332 56.74 5.11 10.03
N LEU A 333 56.27 5.11 11.28
CA LEU A 333 54.85 4.94 11.56
C LEU A 333 54.01 6.06 10.95
N ARG A 334 54.62 7.22 10.67
CA ARG A 334 53.87 8.31 10.04
C ARG A 334 53.33 7.91 8.68
N LYS A 335 54.13 7.23 7.86
CA LYS A 335 53.65 6.76 6.56
C LYS A 335 52.57 5.69 6.74
N ILE A 336 52.70 4.87 7.77
CA ILE A 336 51.70 3.83 8.03
C ILE A 336 50.36 4.45 8.36
N PHE A 337 50.34 5.47 9.22
CA PHE A 337 49.09 6.11 9.60
C PHE A 337 48.47 6.86 8.42
N THR A 338 49.29 7.50 7.59
CA THR A 338 48.78 8.24 6.45
C THR A 338 48.08 7.31 5.46
N THR A 339 48.69 6.15 5.17
CA THR A 339 48.06 5.21 4.26
C THR A 339 46.75 4.66 4.83
N ILE A 340 46.73 4.35 6.13
CA ILE A 340 45.53 3.80 6.74
C ILE A 340 44.38 4.80 6.68
N SER A 341 44.66 6.06 6.99
CA SER A 341 43.62 7.09 6.92
C SER A 341 43.14 7.28 5.48
N PHE A 342 44.06 7.27 4.52
CA PHE A 342 43.67 7.40 3.12
C PHE A 342 42.92 6.16 2.63
N CYS A 343 43.30 4.97 3.14
CA CYS A 343 42.65 3.74 2.72
C CYS A 343 41.18 3.73 3.10
N ILE A 344 40.83 4.19 4.30
CA ILE A 344 39.43 4.25 4.71
C ILE A 344 38.65 5.17 3.79
N VAL A 345 39.20 6.33 3.47
CA VAL A 345 38.58 7.23 2.49
C VAL A 345 38.52 6.56 1.14
N LEU A 346 39.60 5.89 0.73
CA LEU A 346 39.60 5.17 -0.54
C LEU A 346 38.59 4.03 -0.53
N ARG A 347 38.48 3.33 0.60
CA ARG A 347 37.51 2.23 0.70
C ARG A 347 36.08 2.76 0.55
N MET A 348 35.76 3.87 1.21
CA MET A 348 34.44 4.46 1.06
C MET A 348 34.21 4.93 -0.37
N ALA A 349 35.23 5.53 -0.99
CA ALA A 349 35.08 6.01 -2.36
C ALA A 349 34.88 4.86 -3.34
N VAL A 350 35.59 3.74 -3.13
CA VAL A 350 35.53 2.64 -4.07
C VAL A 350 34.33 1.73 -3.84
N THR A 351 33.73 1.78 -2.66
CA THR A 351 32.62 0.90 -2.31
C THR A 351 31.32 1.64 -2.01
N ARG A 352 31.36 2.71 -1.23
CA ARG A 352 30.15 3.39 -0.80
C ARG A 352 29.82 4.63 -1.62
N GLN A 353 30.81 5.29 -2.20
CA GLN A 353 30.59 6.53 -2.95
C GLN A 353 30.70 6.34 -4.45
N PHE A 354 30.59 5.09 -4.92
CA PHE A 354 30.67 4.83 -6.35
C PHE A 354 29.72 3.70 -6.75
N PRO A 355 29.78 2.55 -6.07
CA PRO A 355 28.89 1.44 -6.47
C PRO A 355 27.41 1.79 -6.34
N TRP A 356 27.04 2.60 -5.35
CA TRP A 356 25.64 2.95 -5.18
C TRP A 356 25.18 3.97 -6.23
N ALA A 357 26.09 4.86 -6.63
CA ALA A 357 25.72 5.93 -7.56
C ALA A 357 25.34 5.36 -8.92
N VAL A 358 26.06 4.36 -9.42
CA VAL A 358 25.81 3.82 -10.74
C VAL A 358 24.40 3.22 -10.83
N GLN A 359 24.03 2.42 -9.83
CA GLN A 359 22.70 1.82 -9.83
C GLN A 359 21.62 2.88 -9.70
N THR A 360 21.82 3.87 -8.83
CA THR A 360 20.80 4.89 -8.61
C THR A 360 20.68 5.84 -9.80
N TRP A 361 21.79 6.13 -10.48
CA TRP A 361 21.75 7.10 -11.57
C TRP A 361 20.93 6.60 -12.74
N TYR A 362 21.05 5.32 -13.09
CA TYR A 362 20.26 4.76 -14.17
C TYR A 362 18.80 4.61 -13.80
N ASP A 363 18.47 4.53 -12.50
CA ASP A 363 17.07 4.43 -12.09
C ASP A 363 16.30 5.68 -12.48
N SER A 364 16.89 6.85 -12.29
CA SER A 364 16.24 8.09 -12.69
C SER A 364 16.06 8.16 -14.20
N LEU A 365 17.05 7.70 -14.97
CA LEU A 365 16.93 7.70 -16.43
C LEU A 365 15.81 6.79 -16.89
N GLY A 366 15.66 5.61 -16.28
CA GLY A 366 14.60 4.70 -16.67
C GLY A 366 13.21 5.25 -16.43
N ALA A 367 13.01 5.97 -15.32
CA ALA A 367 11.71 6.58 -15.07
C ALA A 367 11.36 7.61 -16.12
N ILE A 368 12.34 8.43 -16.53
CA ILE A 368 12.08 9.42 -17.58
C ILE A 368 11.78 8.73 -18.90
N ASN A 369 12.43 7.60 -19.18
CA ASN A 369 12.12 6.85 -20.39
C ASN A 369 10.69 6.33 -20.37
N LYS A 370 10.23 5.84 -19.23
CA LYS A 370 8.84 5.43 -19.11
C LYS A 370 7.90 6.63 -19.28
N ILE A 371 8.26 7.77 -18.70
CA ILE A 371 7.46 8.98 -18.87
C ILE A 371 7.39 9.38 -20.34
N GLN A 372 8.54 9.34 -21.02
CA GLN A 372 8.55 9.62 -22.46
C GLN A 372 7.78 8.56 -23.24
N ASP A 373 7.78 7.31 -22.75
CA ASP A 373 7.05 6.25 -23.43
C ASP A 373 5.54 6.54 -23.41
N PHE A 374 5.02 7.01 -22.27
CA PHE A 374 3.60 7.32 -22.18
C PHE A 374 3.24 8.65 -22.82
N LEU A 375 4.23 9.44 -23.23
CA LEU A 375 3.94 10.69 -23.94
C LEU A 375 3.24 10.45 -25.27
N GLN A 376 3.47 9.30 -25.89
CA GLN A 376 2.82 8.96 -27.15
C GLN A 376 1.66 8.00 -26.87
N LYS A 377 0.45 8.44 -27.20
CA LYS A 377 -0.75 7.63 -27.00
C LYS A 377 -1.87 8.23 -27.85
N GLN A 378 -2.94 7.44 -28.01
CA GLN A 378 -4.10 7.88 -28.78
C GLN A 378 -4.79 9.03 -28.04
N GLU A 379 -4.67 10.24 -28.58
CA GLU A 379 -5.26 11.41 -27.97
C GLU A 379 -6.75 11.50 -28.31
N TYR A 380 -7.53 12.04 -27.38
CA TYR A 380 -8.97 12.19 -27.59
C TYR A 380 -9.23 13.56 -28.20
N LYS A 381 -9.70 13.57 -29.45
CA LYS A 381 -9.99 14.82 -30.12
C LYS A 381 -11.21 15.50 -29.51
N THR A 382 -11.21 16.83 -29.53
CA THR A 382 -12.31 17.62 -28.98
C THR A 382 -12.52 18.85 -29.84
N LEU A 383 -13.77 19.26 -29.97
CA LEU A 383 -14.15 20.43 -30.76
C LEU A 383 -14.69 21.57 -29.93
N GLU A 384 -14.62 21.47 -28.59
CA GLU A 384 -15.08 22.51 -27.68
C GLU A 384 -16.55 22.81 -27.88
N TYR A 385 -16.87 23.99 -28.40
CA TYR A 385 -18.26 24.39 -28.61
C TYR A 385 -18.32 25.26 -29.87
N ASN A 386 -18.67 24.63 -30.99
CA ASN A 386 -18.81 25.36 -32.24
C ASN A 386 -20.24 25.85 -32.42
N LEU A 387 -20.36 27.06 -32.95
CA LEU A 387 -21.68 27.64 -33.17
C LEU A 387 -22.44 26.86 -34.24
N THR A 388 -23.71 26.58 -33.96
CA THR A 388 -24.54 25.81 -34.88
C THR A 388 -26.00 26.07 -34.52
N THR A 389 -26.89 25.60 -35.42
CA THR A 389 -28.32 25.74 -35.21
C THR A 389 -28.91 24.67 -34.31
N THR A 390 -28.07 23.96 -33.53
CA THR A 390 -28.50 22.89 -32.64
C THR A 390 -29.26 21.80 -33.39
N GLU A 391 -28.66 21.33 -34.49
CA GLU A 391 -29.26 20.28 -35.30
C GLU A 391 -28.43 19.01 -35.22
N VAL A 392 -29.11 17.87 -35.21
CA VAL A 392 -28.46 16.56 -35.12
C VAL A 392 -28.52 15.89 -36.49
N VAL A 393 -27.45 15.17 -36.82
CA VAL A 393 -27.38 14.47 -38.10
C VAL A 393 -26.51 13.24 -37.91
N MET A 394 -26.87 12.16 -38.60
CA MET A 394 -26.13 10.91 -38.53
C MET A 394 -26.53 10.04 -39.72
N GLU A 395 -25.52 9.58 -40.47
CA GLU A 395 -25.78 8.73 -41.64
C GLU A 395 -24.49 8.01 -42.01
N ASN A 396 -24.66 6.79 -42.53
CA ASN A 396 -23.54 5.98 -43.02
C ASN A 396 -22.51 5.71 -41.93
N VAL A 397 -22.95 5.65 -40.68
CA VAL A 397 -22.03 5.43 -39.57
C VAL A 397 -21.49 4.01 -39.61
N THR A 398 -20.18 3.88 -39.38
CA THR A 398 -19.52 2.59 -39.36
C THR A 398 -18.37 2.63 -38.37
N ALA A 399 -18.29 1.61 -37.52
CA ALA A 399 -17.24 1.54 -36.51
C ALA A 399 -17.23 0.13 -35.92
N PHE A 400 -16.22 -0.13 -35.10
CA PHE A 400 -16.05 -1.42 -34.43
C PHE A 400 -15.88 -1.20 -32.94
N TRP A 401 -16.18 -2.25 -32.16
CA TRP A 401 -16.08 -2.16 -30.72
C TRP A 401 -14.64 -1.97 -30.24
N GLU A 402 -13.65 -2.38 -31.02
CA GLU A 402 -12.26 -2.22 -30.65
C GLU A 402 -11.84 -0.76 -30.69
N GLY A 437 -15.10 -8.82 -35.63
CA GLY A 437 -14.24 -7.72 -36.02
C GLY A 437 -14.86 -6.83 -37.08
N THR A 438 -16.05 -7.21 -37.54
CA THR A 438 -16.74 -6.45 -38.57
C THR A 438 -17.39 -5.21 -37.95
N PRO A 439 -18.03 -4.38 -38.77
CA PRO A 439 -18.68 -3.18 -38.24
C PRO A 439 -19.89 -3.53 -37.39
N VAL A 440 -19.87 -3.08 -36.13
CA VAL A 440 -20.99 -3.31 -35.22
C VAL A 440 -22.22 -2.50 -35.60
N LEU A 441 -22.10 -1.59 -36.55
CA LEU A 441 -23.24 -0.82 -37.04
C LEU A 441 -23.03 -0.55 -38.53
N LYS A 442 -24.14 -0.29 -39.22
CA LYS A 442 -24.08 -0.08 -40.66
C LYS A 442 -25.22 0.85 -41.08
N ASP A 443 -24.87 1.97 -41.69
CA ASP A 443 -25.84 2.91 -42.25
C ASP A 443 -26.85 3.36 -41.20
N ILE A 444 -26.34 4.00 -40.15
CA ILE A 444 -27.19 4.55 -39.11
C ILE A 444 -27.69 5.92 -39.56
N ASN A 445 -28.79 5.93 -40.32
CA ASN A 445 -29.32 7.15 -40.91
C ASN A 445 -30.36 7.75 -39.96
N PHE A 446 -30.04 8.91 -39.39
CA PHE A 446 -30.96 9.59 -38.50
C PHE A 446 -30.56 11.06 -38.37
N LYS A 447 -31.46 11.96 -38.74
CA LYS A 447 -31.21 13.39 -38.66
C LYS A 447 -32.43 14.11 -38.14
N ILE A 448 -32.22 15.09 -37.28
CA ILE A 448 -33.29 15.87 -36.67
C ILE A 448 -32.90 17.34 -36.76
N GLU A 449 -33.85 18.18 -37.21
CA GLU A 449 -33.56 19.61 -37.33
C GLU A 449 -33.53 20.29 -35.97
N ARG A 450 -34.67 20.31 -35.27
CA ARG A 450 -34.75 20.92 -33.95
C ARG A 450 -36.02 20.50 -33.22
N GLY A 451 -35.89 20.05 -31.99
CA GLY A 451 -37.03 19.69 -31.16
C GLY A 451 -37.62 18.32 -31.42
N GLN A 452 -37.07 17.57 -32.37
CA GLN A 452 -37.59 16.23 -32.65
C GLN A 452 -37.27 15.29 -31.50
N LEU A 453 -38.28 14.56 -31.04
CA LEU A 453 -38.12 13.62 -29.94
C LEU A 453 -37.38 12.37 -30.44
N LEU A 454 -36.13 12.22 -30.01
CA LEU A 454 -35.32 11.09 -30.40
C LEU A 454 -35.24 10.07 -29.28
N ALA A 455 -35.39 8.79 -29.64
CA ALA A 455 -35.36 7.71 -28.67
C ALA A 455 -34.44 6.60 -29.17
N VAL A 456 -33.97 5.79 -28.23
CA VAL A 456 -33.05 4.69 -28.54
C VAL A 456 -33.60 3.40 -27.95
N ALA A 457 -33.20 2.28 -28.55
CA ALA A 457 -33.64 0.96 -28.10
C ALA A 457 -32.68 -0.07 -28.66
N GLY A 458 -32.78 -1.28 -28.14
CA GLY A 458 -31.94 -2.38 -28.61
C GLY A 458 -32.04 -3.56 -27.67
N SER A 459 -31.28 -4.59 -28.01
CA SER A 459 -31.24 -5.81 -27.23
C SER A 459 -30.13 -5.73 -26.19
N THR A 460 -29.87 -6.87 -25.54
CA THR A 460 -28.81 -6.94 -24.55
C THR A 460 -27.45 -6.77 -25.22
N GLY A 461 -26.61 -5.90 -24.65
CA GLY A 461 -25.32 -5.62 -25.25
C GLY A 461 -25.42 -4.97 -26.61
N ALA A 462 -26.37 -4.04 -26.80
CA ALA A 462 -26.59 -3.43 -28.10
C ALA A 462 -25.39 -2.60 -28.56
N GLY A 463 -24.61 -2.07 -27.63
CA GLY A 463 -23.48 -1.23 -28.00
C GLY A 463 -23.85 0.17 -28.42
N LYS A 464 -25.10 0.59 -28.20
CA LYS A 464 -25.51 1.94 -28.58
C LYS A 464 -24.74 3.00 -27.81
N THR A 465 -24.20 2.65 -26.63
CA THR A 465 -23.38 3.58 -25.88
C THR A 465 -22.13 3.98 -26.68
N SER A 466 -21.51 3.02 -27.35
CA SER A 466 -20.42 3.33 -28.26
C SER A 466 -20.91 4.19 -29.42
N LEU A 467 -22.09 3.89 -29.98
CA LEU A 467 -22.68 4.74 -31.00
C LEU A 467 -23.01 6.11 -30.43
N LEU A 468 -23.52 6.16 -29.20
CA LEU A 468 -23.71 7.44 -28.52
C LEU A 468 -22.38 8.14 -28.30
N MET A 469 -21.35 7.38 -27.89
CA MET A 469 -20.00 7.95 -27.82
C MET A 469 -19.53 8.40 -29.20
N VAL A 470 -19.82 7.61 -30.23
CA VAL A 470 -19.49 8.03 -31.59
C VAL A 470 -20.30 9.25 -31.98
N ILE A 471 -21.57 9.32 -31.58
CA ILE A 471 -22.37 10.50 -31.84
C ILE A 471 -21.77 11.72 -31.15
N MET A 472 -21.36 11.58 -29.89
CA MET A 472 -20.70 12.66 -29.18
C MET A 472 -19.23 12.80 -29.53
N GLY A 473 -18.68 11.89 -30.33
CA GLY A 473 -17.28 11.92 -30.70
C GLY A 473 -16.35 11.16 -29.78
N GLU A 474 -16.86 10.60 -28.68
CA GLU A 474 -16.00 9.83 -27.77
C GLU A 474 -15.57 8.49 -28.36
N LEU A 475 -16.22 8.03 -29.43
CA LEU A 475 -15.84 6.81 -30.11
C LEU A 475 -15.51 7.13 -31.56
N GLU A 476 -14.44 6.53 -32.06
CA GLU A 476 -13.97 6.84 -33.41
C GLU A 476 -14.85 6.18 -34.45
N PRO A 477 -15.51 6.94 -35.33
CA PRO A 477 -16.28 6.32 -36.42
C PRO A 477 -15.42 6.07 -37.65
N SER A 478 -15.39 4.82 -38.13
CA SER A 478 -14.56 4.50 -39.28
C SER A 478 -15.10 5.14 -40.56
N GLU A 479 -16.39 5.47 -40.59
CA GLU A 479 -16.99 6.05 -41.78
C GLU A 479 -18.23 6.84 -41.36
N GLY A 480 -18.74 7.65 -42.28
CA GLY A 480 -19.93 8.42 -42.07
C GLY A 480 -19.63 9.87 -41.68
N LYS A 481 -20.71 10.62 -41.53
CA LYS A 481 -20.64 12.03 -41.16
C LYS A 481 -21.75 12.34 -40.16
N ILE A 482 -21.55 13.41 -39.39
CA ILE A 482 -22.52 13.80 -38.36
C ILE A 482 -22.38 15.29 -38.10
N LYS A 483 -23.51 15.98 -38.02
CA LYS A 483 -23.56 17.39 -37.66
C LYS A 483 -24.22 17.51 -36.29
N HIS A 484 -23.53 18.16 -35.36
CA HIS A 484 -24.01 18.28 -33.99
C HIS A 484 -23.68 19.67 -33.45
N SER A 485 -24.43 20.08 -32.44
CA SER A 485 -24.20 21.35 -31.78
C SER A 485 -22.89 21.32 -30.99
N GLY A 486 -22.39 22.50 -30.65
CA GLY A 486 -21.14 22.64 -29.93
C GLY A 486 -21.07 21.85 -28.64
N ARG A 487 -21.90 22.21 -27.67
CA ARG A 487 -21.94 21.50 -26.40
C ARG A 487 -23.07 20.48 -26.39
N ILE A 488 -22.97 19.53 -25.46
CA ILE A 488 -23.97 18.46 -25.33
C ILE A 488 -23.95 17.96 -23.90
N SER A 489 -25.14 17.62 -23.40
CA SER A 489 -25.28 17.06 -22.06
C SER A 489 -25.34 15.53 -22.14
N PHE A 490 -24.70 14.88 -21.17
CA PHE A 490 -24.60 13.43 -21.15
C PHE A 490 -25.17 12.87 -19.85
N CYS A 491 -25.43 11.57 -19.85
CA CYS A 491 -25.93 10.86 -18.68
C CYS A 491 -25.38 9.44 -18.72
N SER A 492 -24.59 9.08 -17.71
CA SER A 492 -23.97 7.77 -17.67
C SER A 492 -24.84 6.77 -16.92
N GLN A 493 -24.50 5.49 -17.07
CA GLN A 493 -25.24 4.44 -16.37
C GLN A 493 -24.93 4.42 -14.88
N PHE A 494 -23.68 4.71 -14.51
CA PHE A 494 -23.25 4.72 -13.12
C PHE A 494 -22.61 6.07 -12.83
N SER A 495 -23.00 6.69 -11.72
CA SER A 495 -22.53 8.02 -11.37
C SER A 495 -21.28 7.91 -10.51
N TRP A 496 -20.13 8.23 -11.08
CA TRP A 496 -18.87 8.27 -10.34
C TRP A 496 -18.63 9.67 -9.78
N ILE A 497 -19.57 10.10 -8.94
CA ILE A 497 -19.53 11.45 -8.38
C ILE A 497 -18.42 11.53 -7.33
N MET A 498 -17.61 12.59 -7.41
CA MET A 498 -16.57 12.80 -6.44
C MET A 498 -17.18 13.17 -5.08
N PRO A 499 -16.41 13.04 -4.01
CA PRO A 499 -16.95 13.34 -2.68
C PRO A 499 -17.43 14.79 -2.59
N GLY A 500 -18.54 14.98 -1.90
CA GLY A 500 -19.14 16.29 -1.77
C GLY A 500 -20.64 16.18 -1.59
N THR A 501 -21.24 17.32 -1.24
CA THR A 501 -22.67 17.39 -1.01
C THR A 501 -23.42 17.63 -2.32
N ILE A 502 -24.75 17.65 -2.22
CA ILE A 502 -25.59 17.92 -3.39
C ILE A 502 -25.33 19.33 -3.91
N LYS A 503 -25.23 20.31 -3.01
CA LYS A 503 -24.93 21.67 -3.42
C LYS A 503 -23.55 21.78 -4.06
N GLU A 504 -22.57 21.03 -3.54
CA GLU A 504 -21.24 21.04 -4.14
C GLU A 504 -21.27 20.47 -5.56
N ASN A 505 -22.01 19.38 -5.78
CA ASN A 505 -22.12 18.83 -7.11
C ASN A 505 -22.94 19.72 -8.02
N ILE A 506 -23.96 20.39 -7.47
CA ILE A 506 -24.79 21.29 -8.27
C ILE A 506 -23.99 22.49 -8.74
N ILE A 507 -23.17 23.06 -7.86
CA ILE A 507 -22.37 24.24 -8.20
C ILE A 507 -21.07 23.79 -8.85
N GLY A 508 -21.12 23.51 -10.15
CA GLY A 508 -19.94 23.12 -10.89
C GLY A 508 -19.42 24.23 -11.79
N VAL A 509 -20.35 24.97 -12.39
CA VAL A 509 -19.99 26.10 -13.25
C VAL A 509 -20.77 27.33 -12.80
N SER A 510 -21.91 27.12 -12.15
CA SER A 510 -22.74 28.22 -11.68
C SER A 510 -23.67 27.70 -10.58
N TYR A 511 -23.90 28.53 -9.57
CA TYR A 511 -24.82 28.21 -8.49
C TYR A 511 -26.05 29.12 -8.55
N ASP A 512 -27.22 28.50 -8.47
CA ASP A 512 -28.49 29.23 -8.54
C ASP A 512 -29.34 28.85 -7.34
N GLU A 513 -29.76 29.85 -6.56
CA GLU A 513 -30.57 29.59 -5.38
C GLU A 513 -31.95 29.06 -5.77
N TYR A 514 -32.60 29.68 -6.76
CA TYR A 514 -33.91 29.23 -7.19
C TYR A 514 -33.86 27.82 -7.76
N ARG A 515 -32.83 27.52 -8.57
CA ARG A 515 -32.68 26.18 -9.11
C ARG A 515 -32.42 25.15 -8.02
N TYR A 516 -31.67 25.53 -6.98
CA TYR A 516 -31.41 24.61 -5.87
C TYR A 516 -32.71 24.20 -5.18
N ARG A 517 -33.75 25.02 -5.28
CA ARG A 517 -35.04 24.65 -4.69
C ARG A 517 -36.00 24.10 -5.75
N SER A 518 -36.06 24.75 -6.91
CA SER A 518 -37.01 24.35 -7.94
C SER A 518 -36.63 23.00 -8.54
N VAL A 519 -35.35 22.83 -8.92
CA VAL A 519 -34.93 21.58 -9.54
C VAL A 519 -34.97 20.44 -8.53
N ILE A 520 -34.64 20.69 -7.28
CA ILE A 520 -34.65 19.64 -6.27
C ILE A 520 -36.06 19.07 -6.11
N LYS A 521 -37.06 19.95 -6.04
CA LYS A 521 -38.44 19.48 -6.00
C LYS A 521 -38.83 18.79 -7.29
N ALA A 522 -38.39 19.34 -8.43
CA ALA A 522 -38.73 18.75 -9.73
C ALA A 522 -38.04 17.41 -9.95
N CYS A 523 -36.83 17.23 -9.42
CA CYS A 523 -36.08 15.99 -9.60
C CYS A 523 -36.19 15.07 -8.38
N GLN A 524 -37.11 15.35 -7.46
CA GLN A 524 -37.34 14.57 -6.24
C GLN A 524 -36.14 14.59 -5.30
N LEU A 525 -35.14 15.42 -5.58
CA LEU A 525 -34.02 15.58 -4.66
C LEU A 525 -34.44 16.22 -3.35
N GLU A 526 -35.35 17.20 -3.40
CA GLU A 526 -35.86 17.79 -2.16
C GLU A 526 -36.68 16.77 -1.36
N GLU A 527 -37.43 15.91 -2.05
CA GLU A 527 -38.15 14.84 -1.35
C GLU A 527 -37.19 13.86 -0.68
N ASP A 528 -36.09 13.51 -1.36
CA ASP A 528 -35.09 12.66 -0.74
C ASP A 528 -34.36 13.36 0.40
N ILE A 529 -34.43 14.70 0.43
CA ILE A 529 -33.80 15.47 1.50
C ILE A 529 -34.59 15.45 2.80
N SER A 530 -35.72 14.74 2.85
CA SER A 530 -36.54 14.67 4.05
C SER A 530 -35.83 13.99 5.21
N LYS A 531 -34.80 13.18 4.94
CA LYS A 531 -34.02 12.55 5.98
C LYS A 531 -32.71 13.27 6.28
N PHE A 532 -32.45 14.41 5.63
CA PHE A 532 -31.21 15.14 5.84
C PHE A 532 -31.34 16.05 7.06
N ALA A 533 -30.34 15.98 7.95
CA ALA A 533 -30.33 16.85 9.12
C ALA A 533 -29.68 18.19 8.79
N GLU A 534 -28.64 18.19 7.97
CA GLU A 534 -27.96 19.40 7.55
C GLU A 534 -28.56 20.01 6.29
N LYS A 535 -29.68 19.47 5.80
CA LYS A 535 -30.37 19.96 4.61
C LYS A 535 -29.45 19.78 3.41
N ASP A 536 -29.11 20.84 2.67
CA ASP A 536 -28.29 20.68 1.47
C ASP A 536 -26.84 20.36 1.79
N ASN A 537 -26.41 20.52 3.05
CA ASN A 537 -25.03 20.29 3.44
C ASN A 537 -24.80 18.84 3.88
N ILE A 538 -25.18 17.90 3.03
CA ILE A 538 -24.95 16.49 3.30
C ILE A 538 -23.85 15.97 2.38
N VAL A 539 -22.61 15.99 2.86
CA VAL A 539 -21.47 15.60 2.06
C VAL A 539 -21.07 14.17 2.39
N LEU A 540 -20.82 13.38 1.35
CA LEU A 540 -20.40 11.98 1.50
C LEU A 540 -19.09 11.77 0.74
N GLY A 541 -18.55 10.56 0.88
CA GLY A 541 -17.31 10.22 0.22
C GLY A 541 -17.50 9.90 -1.26
N GLU A 542 -16.38 9.68 -1.93
CA GLU A 542 -16.41 9.36 -3.35
C GLU A 542 -17.00 7.96 -3.58
N GLY A 543 -17.71 7.81 -4.69
CA GLY A 543 -18.34 6.54 -5.02
C GLY A 543 -19.75 6.36 -4.52
N GLY A 544 -20.27 7.30 -3.73
CA GLY A 544 -21.61 7.18 -3.20
C GLY A 544 -21.80 6.05 -2.22
N ILE A 545 -20.83 5.82 -1.33
CA ILE A 545 -20.93 4.71 -0.38
C ILE A 545 -22.00 4.98 0.66
N THR A 546 -22.10 6.23 1.14
CA THR A 546 -23.02 6.59 2.22
C THR A 546 -24.19 7.41 1.72
N LEU A 547 -24.71 7.08 0.54
CA LEU A 547 -25.86 7.75 -0.04
C LEU A 547 -26.80 6.72 -0.65
N SER A 548 -28.07 7.11 -0.78
CA SER A 548 -29.05 6.22 -1.39
C SER A 548 -28.66 5.91 -2.83
N GLY A 549 -28.72 4.64 -3.20
CA GLY A 549 -28.30 4.24 -4.54
C GLY A 549 -29.17 4.83 -5.63
N GLY A 550 -30.49 4.76 -5.46
CA GLY A 550 -31.42 5.30 -6.42
C GLY A 550 -31.35 6.81 -6.53
N GLN A 551 -31.29 7.49 -5.39
CA GLN A 551 -31.25 8.95 -5.38
C GLN A 551 -29.92 9.48 -5.89
N ARG A 552 -28.84 8.71 -5.76
CA ARG A 552 -27.53 9.18 -6.21
C ARG A 552 -27.52 9.41 -7.72
N ALA A 553 -28.08 8.48 -8.49
CA ALA A 553 -28.16 8.66 -9.93
C ALA A 553 -29.09 9.82 -10.28
N ARG A 554 -30.22 9.94 -9.57
CA ARG A 554 -31.13 11.04 -9.82
C ARG A 554 -30.50 12.38 -9.49
N ILE A 555 -29.77 12.46 -8.36
CA ILE A 555 -29.11 13.70 -7.99
C ILE A 555 -28.01 14.05 -8.97
N SER A 556 -27.22 13.05 -9.39
CA SER A 556 -26.14 13.30 -10.34
C SER A 556 -26.68 13.79 -11.67
N LEU A 557 -27.72 13.13 -12.19
CA LEU A 557 -28.32 13.59 -13.44
C LEU A 557 -29.01 14.94 -13.28
N ALA A 558 -29.44 15.27 -12.05
CA ALA A 558 -30.11 16.54 -11.81
C ALA A 558 -29.20 17.73 -12.09
N ARG A 559 -27.92 17.62 -11.72
CA ARG A 559 -26.98 18.71 -11.99
C ARG A 559 -26.86 18.97 -13.48
N ALA A 560 -26.77 17.91 -14.29
CA ALA A 560 -26.73 18.07 -15.73
C ALA A 560 -28.09 18.49 -16.29
N VAL A 561 -29.18 17.98 -15.71
CA VAL A 561 -30.51 18.34 -16.18
C VAL A 561 -30.83 19.80 -15.88
N TYR A 562 -30.50 20.26 -14.67
CA TYR A 562 -30.78 21.64 -14.30
C TYR A 562 -29.92 22.62 -15.08
N LYS A 563 -28.72 22.20 -15.49
CA LYS A 563 -27.84 23.07 -16.26
C LYS A 563 -28.19 22.98 -17.74
N ASP A 564 -28.29 24.15 -18.37
CA ASP A 564 -28.60 24.20 -19.80
C ASP A 564 -27.39 23.74 -20.62
N ALA A 565 -27.67 23.39 -21.87
CA ALA A 565 -26.61 22.93 -22.78
C ALA A 565 -27.09 23.11 -24.21
N ASP A 566 -26.12 23.11 -25.13
CA ASP A 566 -26.43 23.24 -26.55
C ASP A 566 -27.04 21.97 -27.14
N LEU A 567 -26.94 20.84 -26.44
CA LEU A 567 -27.54 19.59 -26.89
C LEU A 567 -27.72 18.68 -25.69
N TYR A 568 -28.53 17.64 -25.87
CA TYR A 568 -28.82 16.70 -24.81
C TYR A 568 -28.67 15.28 -25.33
N LEU A 569 -28.09 14.40 -24.51
CA LEU A 569 -27.88 13.01 -24.88
C LEU A 569 -28.01 12.18 -23.59
N LEU A 570 -29.18 11.61 -23.38
CA LEU A 570 -29.46 10.81 -22.19
C LEU A 570 -29.25 9.34 -22.48
N ASP A 571 -28.55 8.67 -21.55
CA ASP A 571 -28.29 7.24 -21.67
C ASP A 571 -28.56 6.59 -20.32
N SER A 572 -29.50 5.64 -20.30
CA SER A 572 -29.91 4.93 -19.11
C SER A 572 -30.35 5.91 -18.02
N PRO A 573 -31.12 6.95 -18.37
CA PRO A 573 -31.59 7.88 -17.34
C PRO A 573 -32.44 7.24 -16.27
N PHE A 574 -33.22 6.22 -16.61
CA PHE A 574 -34.11 5.54 -15.67
C PHE A 574 -33.54 4.19 -15.27
N GLY A 575 -32.22 4.11 -15.14
CA GLY A 575 -31.56 2.87 -14.78
C GLY A 575 -31.94 2.35 -13.41
N TYR A 576 -32.14 3.26 -12.45
CA TYR A 576 -32.48 2.88 -11.09
C TYR A 576 -33.95 3.06 -10.76
N LEU A 577 -34.65 3.94 -11.46
CA LEU A 577 -36.06 4.19 -11.18
C LEU A 577 -36.89 2.95 -11.56
N ASP A 578 -37.74 2.50 -10.62
CA ASP A 578 -38.58 1.33 -10.83
C ASP A 578 -40.01 1.65 -10.44
N VAL A 579 -40.95 1.29 -11.31
CA VAL A 579 -42.39 1.42 -11.06
C VAL A 579 -42.75 2.86 -10.72
N LEU A 580 -42.93 3.15 -9.43
CA LEU A 580 -43.36 4.47 -9.01
C LEU A 580 -42.33 5.53 -9.37
N THR A 581 -41.04 5.24 -9.13
CA THR A 581 -40.00 6.21 -9.46
C THR A 581 -39.91 6.45 -10.97
N GLU A 582 -40.03 5.39 -11.77
CA GLU A 582 -40.02 5.55 -13.21
C GLU A 582 -41.25 6.32 -13.69
N LYS A 583 -42.42 6.01 -13.13
CA LYS A 583 -43.64 6.71 -13.51
C LYS A 583 -43.59 8.18 -13.11
N GLU A 584 -43.05 8.46 -11.92
CA GLU A 584 -42.91 9.86 -11.49
C GLU A 584 -41.95 10.62 -12.39
N ILE A 585 -40.84 9.99 -12.76
CA ILE A 585 -39.87 10.65 -13.64
C ILE A 585 -40.47 10.85 -15.03
N PHE A 586 -41.15 9.82 -15.55
CA PHE A 586 -41.71 9.91 -16.90
C PHE A 586 -42.78 11.01 -16.99
N GLU A 587 -43.66 11.07 -15.99
CA GLU A 587 -44.77 12.01 -16.04
C GLU A 587 -44.38 13.42 -15.59
N SER A 588 -43.23 13.59 -14.94
CA SER A 588 -42.87 14.89 -14.40
C SER A 588 -41.47 15.36 -14.77
N CYS A 589 -40.51 14.46 -14.98
CA CYS A 589 -39.13 14.87 -15.22
C CYS A 589 -38.63 14.42 -16.59
N VAL A 590 -38.83 13.14 -16.93
CA VAL A 590 -38.32 12.61 -18.18
C VAL A 590 -38.97 13.25 -19.39
N CYS A 591 -40.27 13.52 -19.34
CA CYS A 591 -40.98 14.12 -20.46
C CYS A 591 -41.46 15.54 -20.22
N LYS A 592 -41.86 15.88 -18.99
CA LYS A 592 -42.33 17.23 -18.69
C LYS A 592 -41.18 18.22 -18.57
N LEU A 593 -40.18 17.90 -17.74
CA LEU A 593 -39.06 18.81 -17.53
C LEU A 593 -38.21 18.97 -18.79
N MET A 594 -37.98 17.88 -19.53
CA MET A 594 -37.15 17.92 -20.73
C MET A 594 -37.98 18.12 -22.00
N ALA A 595 -39.20 18.63 -21.87
CA ALA A 595 -40.05 18.83 -23.03
C ALA A 595 -39.48 19.89 -23.97
N ASN A 596 -39.11 21.05 -23.41
CA ASN A 596 -38.61 22.14 -24.24
C ASN A 596 -37.30 21.79 -24.92
N LYS A 597 -36.35 21.25 -24.18
CA LYS A 597 -35.04 20.93 -24.74
C LYS A 597 -35.14 19.77 -25.71
N THR A 598 -34.42 19.86 -26.83
CA THR A 598 -34.33 18.75 -27.78
C THR A 598 -33.36 17.72 -27.24
N ARG A 599 -33.87 16.55 -26.88
CA ARG A 599 -33.07 15.54 -26.20
C ARG A 599 -33.24 14.18 -26.88
N ILE A 600 -32.18 13.39 -26.80
CA ILE A 600 -32.19 11.99 -27.22
C ILE A 600 -31.91 11.13 -26.00
N LEU A 601 -32.79 10.17 -25.74
CA LEU A 601 -32.70 9.35 -24.54
C LEU A 601 -32.79 7.88 -24.91
N VAL A 602 -32.29 7.05 -24.00
CA VAL A 602 -32.33 5.60 -24.14
C VAL A 602 -33.01 5.03 -22.91
N THR A 603 -34.09 4.28 -23.11
CA THR A 603 -34.83 3.70 -22.00
C THR A 603 -35.66 2.54 -22.51
N SER A 604 -36.12 1.71 -21.57
CA SER A 604 -36.94 0.56 -21.90
C SER A 604 -38.42 0.74 -21.56
N LYS A 605 -38.81 1.92 -21.07
CA LYS A 605 -40.19 2.16 -20.70
C LYS A 605 -41.04 2.35 -21.95
N MET A 606 -42.17 1.65 -22.02
CA MET A 606 -43.08 1.82 -23.15
C MET A 606 -43.78 3.15 -23.11
N GLU A 607 -44.12 3.64 -21.92
CA GLU A 607 -44.77 4.95 -21.80
C GLU A 607 -43.86 6.07 -22.29
N HIS A 608 -42.57 6.02 -21.96
CA HIS A 608 -41.63 7.00 -22.47
C HIS A 608 -41.51 6.92 -23.99
N LEU A 609 -41.48 5.69 -24.53
CA LEU A 609 -41.42 5.53 -25.98
C LEU A 609 -42.70 6.03 -26.65
N LYS A 610 -43.82 5.99 -25.94
CA LYS A 610 -45.08 6.49 -26.50
C LYS A 610 -45.01 8.00 -26.74
N LYS A 611 -44.27 8.74 -25.92
CA LYS A 611 -44.13 10.16 -26.10
C LYS A 611 -43.07 10.53 -27.13
N ALA A 612 -42.25 9.56 -27.55
CA ALA A 612 -41.21 9.82 -28.54
C ALA A 612 -41.81 9.87 -29.93
N ASP A 613 -41.35 10.84 -30.74
CA ASP A 613 -41.81 10.96 -32.11
C ASP A 613 -41.18 9.93 -33.04
N LYS A 614 -40.06 9.33 -32.63
CA LYS A 614 -39.40 8.32 -33.46
C LYS A 614 -38.57 7.43 -32.54
N ILE A 615 -38.18 6.27 -33.07
CA ILE A 615 -37.40 5.29 -32.32
C ILE A 615 -36.56 4.48 -33.30
N LEU A 616 -35.38 4.06 -32.84
CA LEU A 616 -34.46 3.24 -33.62
C LEU A 616 -34.11 2.00 -32.83
N ILE A 617 -34.32 0.83 -33.44
CA ILE A 617 -34.07 -0.46 -32.79
C ILE A 617 -33.03 -1.21 -33.61
N LEU A 618 -31.95 -1.61 -32.96
CA LEU A 618 -30.88 -2.37 -33.61
C LEU A 618 -30.96 -3.83 -33.18
N HIS A 619 -30.75 -4.72 -34.14
CA HIS A 619 -30.83 -6.17 -33.91
C HIS A 619 -29.53 -6.82 -34.37
N GLU A 620 -28.60 -6.98 -33.44
CA GLU A 620 -27.31 -7.67 -33.70
C GLU A 620 -26.55 -6.98 -34.83
N GLY A 621 -26.26 -5.70 -34.64
CA GLY A 621 -25.51 -4.94 -35.61
C GLY A 621 -26.30 -4.42 -36.79
N SER A 622 -27.61 -4.69 -36.84
CA SER A 622 -28.47 -4.21 -37.91
C SER A 622 -29.68 -3.52 -37.31
N SER A 623 -29.98 -2.32 -37.81
CA SER A 623 -31.12 -1.55 -37.32
C SER A 623 -32.41 -2.17 -37.87
N TYR A 624 -33.05 -3.00 -37.04
CA TYR A 624 -34.30 -3.64 -37.46
C TYR A 624 -35.41 -2.62 -37.69
N PHE A 625 -35.52 -1.62 -36.81
CA PHE A 625 -36.54 -0.59 -36.94
C PHE A 625 -35.90 0.77 -36.71
N TYR A 626 -36.31 1.75 -37.52
CA TYR A 626 -35.80 3.11 -37.39
C TYR A 626 -36.86 4.05 -37.94
N GLY A 627 -37.60 4.70 -37.06
CA GLY A 627 -38.64 5.61 -37.48
C GLY A 627 -39.67 5.80 -36.38
N THR A 628 -40.86 6.21 -36.80
CA THR A 628 -41.94 6.48 -35.86
C THR A 628 -42.44 5.19 -35.24
N PHE A 629 -43.09 5.32 -34.08
CA PHE A 629 -43.62 4.15 -33.38
C PHE A 629 -44.76 3.50 -34.14
N SER A 630 -45.47 4.28 -34.98
CA SER A 630 -46.59 3.73 -35.74
C SER A 630 -46.12 2.74 -36.81
N GLU A 631 -44.85 2.79 -37.21
CA GLU A 631 -44.34 1.85 -38.21
C GLU A 631 -44.37 0.42 -37.68
N LEU A 632 -44.01 0.22 -36.42
CA LEU A 632 -44.04 -1.13 -35.84
C LEU A 632 -45.45 -1.69 -35.78
N GLN A 633 -46.43 -0.86 -35.43
CA GLN A 633 -47.81 -1.31 -35.34
C GLN A 633 -48.52 -1.38 -36.68
N ASN A 634 -47.87 -0.94 -37.76
CA ASN A 634 -48.48 -0.98 -39.08
C ASN A 634 -48.73 -2.41 -39.56
N LEU A 635 -47.99 -3.38 -39.05
CA LEU A 635 -48.16 -4.76 -39.46
C LEU A 635 -48.16 -5.69 -38.25
N PRO A 840 -2.32 5.33 17.51
CA PRO A 840 -1.60 4.35 16.69
C PRO A 840 -0.09 4.51 16.78
N ALA A 841 0.38 5.73 16.98
CA ALA A 841 1.80 6.03 17.10
C ALA A 841 2.27 5.99 18.55
N VAL A 842 2.10 4.83 19.20
CA VAL A 842 2.50 4.65 20.58
C VAL A 842 3.90 4.06 20.62
N THR A 843 4.80 4.73 21.34
CA THR A 843 6.19 4.29 21.47
C THR A 843 6.38 3.74 22.88
N THR A 844 6.19 2.42 23.02
CA THR A 844 6.30 1.74 24.30
C THR A 844 7.66 1.05 24.36
N TRP A 845 8.59 1.63 25.13
CA TRP A 845 9.90 1.01 25.31
C TRP A 845 9.80 -0.28 26.11
N ASN A 846 8.84 -0.35 27.04
CA ASN A 846 8.69 -1.57 27.84
C ASN A 846 8.28 -2.76 26.98
N THR A 847 7.37 -2.54 26.03
CA THR A 847 6.93 -3.62 25.16
C THR A 847 8.03 -4.09 24.21
N TYR A 848 9.05 -3.25 23.96
CA TYR A 848 10.14 -3.67 23.10
C TYR A 848 10.93 -4.84 23.69
N LEU A 849 11.13 -4.84 25.00
CA LEU A 849 11.87 -5.92 25.64
C LEU A 849 11.15 -7.25 25.47
N ARG A 850 9.83 -7.26 25.64
CA ARG A 850 9.07 -8.50 25.47
C ARG A 850 9.17 -9.03 24.06
N TYR A 851 9.07 -8.15 23.06
CA TYR A 851 9.24 -8.57 21.68
C TYR A 851 10.66 -9.07 21.41
N ILE A 852 11.66 -8.38 21.95
CA ILE A 852 13.05 -8.81 21.76
C ILE A 852 13.29 -10.15 22.43
N THR A 853 12.78 -10.33 23.64
CA THR A 853 12.96 -11.58 24.39
C THR A 853 11.83 -12.56 24.11
N VAL A 854 11.61 -12.87 22.84
CA VAL A 854 10.56 -13.79 22.42
C VAL A 854 11.12 -15.10 21.88
N HIS A 855 12.44 -15.30 21.96
CA HIS A 855 13.07 -16.51 21.45
C HIS A 855 13.87 -17.16 22.57
N LYS A 856 14.02 -18.49 22.47
CA LYS A 856 14.71 -19.25 23.51
C LYS A 856 16.17 -18.83 23.59
N SER A 857 16.86 -18.73 22.45
CA SER A 857 18.27 -18.40 22.42
C SER A 857 18.53 -16.92 22.18
N LEU A 858 17.50 -16.08 22.19
CA LEU A 858 17.69 -14.66 21.94
C LEU A 858 18.57 -14.02 23.00
N ILE A 859 18.35 -14.35 24.27
CA ILE A 859 19.17 -13.79 25.34
C ILE A 859 20.60 -14.30 25.25
N PHE A 860 20.76 -15.60 25.00
CA PHE A 860 22.10 -16.18 24.94
C PHE A 860 22.90 -15.64 23.76
N VAL A 861 22.26 -15.57 22.58
CA VAL A 861 22.97 -15.12 21.39
C VAL A 861 23.40 -13.66 21.53
N LEU A 862 22.49 -12.80 22.03
CA LEU A 862 22.82 -11.40 22.20
C LEU A 862 23.93 -11.20 23.22
N ILE A 863 23.87 -11.93 24.34
CA ILE A 863 24.89 -11.79 25.38
C ILE A 863 26.26 -12.24 24.90
N TRP A 864 26.32 -13.15 23.92
CA TRP A 864 27.61 -13.65 23.45
C TRP A 864 28.44 -12.54 22.84
N CYS A 865 27.84 -11.73 21.96
CA CYS A 865 28.56 -10.62 21.36
C CYS A 865 28.99 -9.59 22.38
N LEU A 866 28.13 -9.29 23.35
CA LEU A 866 28.50 -8.36 24.41
C LEU A 866 29.66 -8.89 25.24
N VAL A 867 29.66 -10.19 25.51
CA VAL A 867 30.77 -10.79 26.25
C VAL A 867 32.07 -10.69 25.44
N ILE A 868 31.99 -10.98 24.13
CA ILE A 868 33.17 -10.86 23.29
C ILE A 868 33.51 -9.40 23.03
N PHE A 869 32.57 -8.49 23.24
CA PHE A 869 32.82 -7.08 23.00
C PHE A 869 33.89 -6.54 23.94
N LEU A 870 33.74 -6.78 25.24
CA LEU A 870 34.74 -6.35 26.21
C LEU A 870 36.00 -7.19 26.12
N ALA A 871 35.90 -8.40 25.57
CA ALA A 871 37.07 -9.28 25.50
C ALA A 871 38.13 -8.73 24.55
N GLU A 872 37.72 -8.33 23.33
CA GLU A 872 38.68 -7.81 22.36
C GLU A 872 39.24 -6.47 22.82
N VAL A 873 38.45 -5.69 23.56
CA VAL A 873 38.91 -4.38 24.01
C VAL A 873 40.09 -4.51 24.96
N ALA A 874 40.04 -5.48 25.87
CA ALA A 874 41.12 -5.67 26.83
C ALA A 874 42.43 -6.02 26.13
N ALA A 875 42.37 -6.91 25.14
CA ALA A 875 43.58 -7.29 24.42
C ALA A 875 44.19 -6.10 23.69
N SER A 876 43.36 -5.28 23.04
CA SER A 876 43.88 -4.11 22.35
C SER A 876 44.50 -3.12 23.32
N LEU A 877 43.84 -2.88 24.46
CA LEU A 877 44.40 -1.99 25.48
C LEU A 877 45.69 -2.55 26.06
N VAL A 878 45.73 -3.86 26.32
CA VAL A 878 46.94 -4.47 26.87
C VAL A 878 48.08 -4.42 25.87
N VAL A 879 47.79 -4.65 24.58
CA VAL A 879 48.83 -4.58 23.57
C VAL A 879 49.41 -3.17 23.49
N LEU A 880 48.54 -2.16 23.52
CA LEU A 880 49.02 -0.78 23.58
C LEU A 880 49.76 -0.50 24.88
N TRP A 881 49.27 -1.05 26.00
CA TRP A 881 49.94 -0.87 27.28
C TRP A 881 51.24 -1.66 27.38
N LEU A 882 51.44 -2.64 26.50
CA LEU A 882 52.68 -3.40 26.49
C LEU A 882 53.70 -2.81 25.52
N LEU A 883 53.36 -2.73 24.24
CA LEU A 883 54.28 -2.18 23.25
C LEU A 883 54.50 -0.68 23.46
N GLY A 884 53.40 0.08 23.59
CA GLY A 884 53.50 1.51 23.75
C GLY A 884 53.73 2.00 25.16
N ASN A 885 53.64 1.12 26.15
CA ASN A 885 53.82 1.51 27.54
C ASN A 885 54.52 0.42 28.34
N THR A 909 61.40 -7.44 14.68
CA THR A 909 61.73 -6.03 14.62
C THR A 909 60.84 -5.30 13.62
N SER A 910 60.92 -5.71 12.35
CA SER A 910 60.10 -5.10 11.32
C SER A 910 58.62 -5.40 11.50
N SER A 911 58.28 -6.46 12.24
CA SER A 911 56.88 -6.83 12.47
C SER A 911 56.26 -6.08 13.64
N TYR A 912 57.02 -5.22 14.32
CA TYR A 912 56.46 -4.47 15.45
C TYR A 912 55.35 -3.53 14.99
N TYR A 913 55.52 -2.90 13.83
CA TYR A 913 54.50 -2.00 13.31
C TYR A 913 53.26 -2.75 12.83
N VAL A 914 53.37 -4.05 12.59
CA VAL A 914 52.21 -4.83 12.18
C VAL A 914 51.19 -4.92 13.32
N PHE A 915 51.66 -5.08 14.55
CA PHE A 915 50.75 -5.11 15.70
C PHE A 915 50.04 -3.78 15.87
N TYR A 916 50.78 -2.67 15.70
CA TYR A 916 50.16 -1.36 15.80
C TYR A 916 49.09 -1.14 14.73
N ILE A 917 49.36 -1.58 13.50
CA ILE A 917 48.36 -1.47 12.43
C ILE A 917 47.16 -2.34 12.74
N TYR A 918 47.38 -3.57 13.19
CA TYR A 918 46.27 -4.44 13.56
C TYR A 918 45.49 -3.87 14.74
N VAL A 919 46.19 -3.39 15.76
CA VAL A 919 45.51 -2.75 16.88
C VAL A 919 44.85 -1.46 16.45
N GLY A 920 45.53 -0.66 15.62
CA GLY A 920 44.95 0.59 15.15
C GLY A 920 43.79 0.43 14.19
N VAL A 921 43.57 -0.78 13.69
CA VAL A 921 42.44 -1.03 12.79
C VAL A 921 41.17 -1.11 13.61
N ALA A 922 40.45 0.02 13.70
CA ALA A 922 39.22 0.06 14.49
C ALA A 922 38.16 -0.89 13.95
N ASP A 923 38.03 -0.96 12.61
CA ASP A 923 37.06 -1.88 12.02
C ASP A 923 37.39 -3.32 12.35
N THR A 924 38.66 -3.69 12.30
CA THR A 924 39.06 -5.05 12.65
C THR A 924 39.01 -5.29 14.15
N LEU A 925 39.28 -4.26 14.96
CA LEU A 925 39.25 -4.42 16.41
C LEU A 925 37.86 -4.79 16.91
N LEU A 926 36.82 -4.25 16.27
CA LEU A 926 35.44 -4.56 16.63
C LEU A 926 34.73 -5.38 15.54
N ALA A 927 35.51 -6.04 14.68
CA ALA A 927 34.91 -6.84 13.62
C ALA A 927 34.20 -8.06 14.19
N MET A 928 32.98 -8.29 13.75
CA MET A 928 32.22 -9.44 14.19
C MET A 928 32.87 -10.73 13.69
N GLY A 929 32.94 -11.72 14.56
CA GLY A 929 33.55 -12.98 14.20
C GLY A 929 32.72 -13.77 13.20
N PHE A 930 33.33 -14.81 12.66
CA PHE A 930 32.64 -15.66 11.70
C PHE A 930 31.45 -16.38 12.33
N PHE A 931 31.53 -16.67 13.63
CA PHE A 931 30.45 -17.34 14.35
C PHE A 931 29.71 -16.37 15.25
N ARG A 932 29.74 -15.08 14.93
CA ARG A 932 29.08 -14.05 15.72
C ARG A 932 27.90 -13.44 14.98
N GLY A 933 28.13 -12.87 13.80
CA GLY A 933 27.03 -12.28 13.05
C GLY A 933 26.04 -13.27 12.52
N LEU A 934 26.50 -14.41 12.03
CA LEU A 934 25.65 -15.45 11.46
C LEU A 934 24.64 -15.95 12.49
N PRO A 935 25.08 -16.20 13.74
CA PRO A 935 24.11 -16.68 14.74
C PRO A 935 22.97 -15.71 14.98
N LEU A 936 23.24 -14.40 14.93
CA LEU A 936 22.17 -13.42 15.09
C LEU A 936 21.16 -13.50 13.95
N VAL A 937 21.63 -13.72 12.72
CA VAL A 937 20.72 -13.82 11.59
C VAL A 937 19.79 -15.02 11.73
N HIS A 938 20.35 -16.17 12.10
CA HIS A 938 19.52 -17.36 12.30
C HIS A 938 18.54 -17.15 13.45
N THR A 939 19.00 -16.53 14.54
CA THR A 939 18.10 -16.28 15.68
C THR A 939 17.00 -15.31 15.30
N LEU A 940 17.33 -14.25 14.55
CA LEU A 940 16.32 -13.27 14.19
C LEU A 940 15.28 -13.86 13.22
N ILE A 941 15.70 -14.79 12.36
CA ILE A 941 14.77 -15.38 11.40
C ILE A 941 13.69 -16.17 12.12
N THR A 942 14.08 -16.96 13.13
CA THR A 942 13.11 -17.78 13.84
C THR A 942 12.08 -16.95 14.59
N VAL A 943 12.40 -15.68 14.88
CA VAL A 943 11.46 -14.83 15.61
C VAL A 943 10.19 -14.62 14.79
N SER A 944 10.32 -14.34 13.49
CA SER A 944 9.15 -14.16 12.66
C SER A 944 8.32 -15.42 12.53
N LYS A 945 8.98 -16.58 12.42
CA LYS A 945 8.24 -17.84 12.33
C LYS A 945 7.44 -18.11 13.60
N ILE A 946 8.03 -17.84 14.77
CA ILE A 946 7.31 -18.03 16.02
C ILE A 946 6.13 -17.07 16.12
N LEU A 947 6.33 -15.82 15.71
CA LEU A 947 5.25 -14.85 15.74
C LEU A 947 4.12 -15.23 14.80
N HIS A 948 4.46 -15.74 13.61
CA HIS A 948 3.43 -16.15 12.66
C HIS A 948 2.58 -17.28 13.21
N HIS A 949 3.20 -18.26 13.87
CA HIS A 949 2.44 -19.34 14.49
C HIS A 949 1.51 -18.81 15.59
N LYS A 950 2.01 -17.88 16.40
CA LYS A 950 1.17 -17.30 17.45
C LYS A 950 0.08 -16.42 16.84
N MET A 951 0.42 -15.63 15.81
CA MET A 951 -0.57 -14.74 15.21
C MET A 951 -1.68 -15.53 14.52
N LEU A 952 -1.32 -16.58 13.78
CA LEU A 952 -2.33 -17.36 13.06
C LEU A 952 -3.31 -18.03 14.01
N HIS A 953 -2.80 -18.62 15.10
CA HIS A 953 -3.68 -19.27 16.07
C HIS A 953 -4.55 -18.24 16.80
N SER A 954 -3.97 -17.10 17.17
CA SER A 954 -4.73 -16.09 17.89
C SER A 954 -5.80 -15.45 17.02
N VAL A 955 -5.49 -15.24 15.72
CA VAL A 955 -6.43 -14.58 14.83
C VAL A 955 -7.70 -15.41 14.66
N LEU A 956 -7.57 -16.73 14.56
CA LEU A 956 -8.74 -17.59 14.39
C LEU A 956 -9.57 -17.69 15.65
N GLN A 957 -9.03 -17.25 16.80
CA GLN A 957 -9.74 -17.33 18.07
C GLN A 957 -10.49 -16.04 18.39
N ALA A 958 -10.54 -15.08 17.48
CA ALA A 958 -11.21 -13.82 17.74
C ALA A 958 -12.73 -14.01 17.67
N PRO A 959 -13.47 -13.61 18.70
CA PRO A 959 -14.92 -13.75 18.65
C PRO A 959 -15.54 -12.76 17.66
N MET A 960 -16.80 -13.04 17.31
CA MET A 960 -17.50 -12.19 16.36
C MET A 960 -17.67 -10.77 16.87
N SER A 961 -17.58 -10.57 18.19
CA SER A 961 -17.62 -9.22 18.74
C SER A 961 -16.45 -8.38 18.25
N THR A 962 -15.24 -8.97 18.21
CA THR A 962 -14.06 -8.28 17.73
C THR A 962 -13.74 -8.58 16.27
N LEU A 963 -14.10 -9.78 15.79
CA LEU A 963 -13.83 -10.12 14.40
C LEU A 963 -14.60 -9.20 13.45
N ASN A 964 -15.86 -8.92 13.75
CA ASN A 964 -16.64 -8.02 12.91
C ASN A 964 -16.24 -6.57 13.10
N THR A 965 -15.58 -6.23 14.22
CA THR A 965 -15.15 -4.85 14.43
C THR A 965 -14.01 -4.47 13.49
N LEU A 966 -13.05 -5.37 13.30
CA LEU A 966 -11.90 -5.08 12.43
C LEU A 966 -12.29 -5.18 10.97
N LYS A 967 -11.86 -4.20 10.19
CA LYS A 967 -12.15 -4.19 8.76
C LYS A 967 -11.41 -5.32 8.05
N ALA A 968 -12.02 -5.83 6.99
CA ALA A 968 -11.40 -6.91 6.22
C ALA A 968 -10.08 -6.47 5.61
N GLY A 969 -10.03 -5.25 5.07
CA GLY A 969 -8.80 -4.75 4.50
C GLY A 969 -7.73 -4.42 5.52
N GLY A 970 -8.11 -4.20 6.77
CA GLY A 970 -7.14 -3.92 7.82
C GLY A 970 -6.47 -5.12 8.42
N ILE A 971 -6.84 -6.33 8.00
CA ILE A 971 -6.24 -7.56 8.51
C ILE A 971 -5.13 -8.05 7.60
N LEU A 972 -5.44 -8.32 6.33
CA LEU A 972 -4.43 -8.81 5.41
C LEU A 972 -3.33 -7.78 5.18
N ASN A 973 -3.69 -6.51 5.03
CA ASN A 973 -2.69 -5.47 4.85
C ASN A 973 -1.79 -5.35 6.08
N ARG A 974 -2.33 -5.59 7.27
CA ARG A 974 -1.54 -5.59 8.49
C ARG A 974 -0.87 -6.93 8.75
N PHE A 975 -1.08 -7.92 7.88
CA PHE A 975 -0.46 -9.23 8.03
C PHE A 975 0.51 -9.54 6.89
N SER A 976 0.10 -9.30 5.65
CA SER A 976 0.97 -9.60 4.51
C SER A 976 2.21 -8.70 4.50
N LYS A 977 2.01 -7.39 4.62
CA LYS A 977 3.12 -6.46 4.59
C LYS A 977 3.93 -6.48 5.88
N ASP A 978 3.27 -6.59 7.03
CA ASP A 978 3.98 -6.54 8.31
C ASP A 978 4.90 -7.74 8.49
N ILE A 979 4.43 -8.94 8.09
CA ILE A 979 5.25 -10.14 8.28
C ILE A 979 6.53 -10.06 7.44
N ALA A 980 6.42 -9.58 6.20
CA ALA A 980 7.60 -9.49 5.35
C ALA A 980 8.61 -8.48 5.88
N ILE A 981 8.13 -7.34 6.39
CA ILE A 981 9.03 -6.31 6.88
C ILE A 981 9.81 -6.81 8.09
N LEU A 982 9.14 -7.49 9.02
CA LEU A 982 9.81 -7.98 10.23
C LEU A 982 10.81 -9.09 9.93
N ASP A 983 10.66 -9.79 8.80
CA ASP A 983 11.55 -10.89 8.45
C ASP A 983 12.71 -10.45 7.57
N ASP A 984 12.40 -9.86 6.41
CA ASP A 984 13.43 -9.52 5.44
C ASP A 984 14.11 -8.20 5.78
N LEU A 985 13.33 -7.12 5.83
CA LEU A 985 13.92 -5.79 6.00
C LEU A 985 14.47 -5.59 7.41
N LEU A 986 13.81 -6.16 8.41
CA LEU A 986 14.21 -5.90 9.79
C LEU A 986 15.57 -6.49 10.12
N PRO A 987 15.78 -7.81 10.04
CA PRO A 987 17.08 -8.37 10.49
C PRO A 987 18.26 -7.84 9.69
N LEU A 988 18.06 -7.45 8.44
CA LEU A 988 19.18 -6.96 7.63
C LEU A 988 19.78 -5.70 8.21
N THR A 989 18.95 -4.78 8.70
CA THR A 989 19.43 -3.54 9.29
C THR A 989 19.60 -3.62 10.80
N ILE A 990 18.87 -4.54 11.46
CA ILE A 990 18.95 -4.65 12.91
C ILE A 990 20.36 -5.05 13.34
N PHE A 991 20.95 -6.04 12.65
CA PHE A 991 22.31 -6.46 12.98
C PHE A 991 23.31 -5.35 12.69
N ASP A 992 23.05 -4.54 11.66
CA ASP A 992 23.96 -3.45 11.32
C ASP A 992 24.02 -2.41 12.44
N PHE A 993 22.87 -2.09 13.05
CA PHE A 993 22.85 -1.11 14.12
C PHE A 993 23.69 -1.58 15.31
N ILE A 994 23.55 -2.85 15.70
CA ILE A 994 24.36 -3.38 16.79
C ILE A 994 25.83 -3.42 16.39
N GLN A 995 26.12 -3.83 15.16
CA GLN A 995 27.51 -3.90 14.70
C GLN A 995 28.14 -2.52 14.67
N LEU A 996 27.41 -1.51 14.19
CA LEU A 996 27.98 -0.16 14.11
C LEU A 996 28.11 0.45 15.50
N LEU A 997 27.12 0.27 16.36
CA LEU A 997 27.16 0.87 17.69
C LEU A 997 28.30 0.29 18.52
N LEU A 998 28.56 -1.01 18.38
CA LEU A 998 29.63 -1.64 19.15
C LEU A 998 30.98 -1.02 18.83
N ILE A 999 31.26 -0.80 17.54
CA ILE A 999 32.54 -0.21 17.16
C ILE A 999 32.61 1.24 17.61
N VAL A 1000 31.54 2.01 17.38
CA VAL A 1000 31.58 3.44 17.68
C VAL A 1000 31.71 3.67 19.18
N ILE A 1001 30.89 2.98 19.99
CA ILE A 1001 30.96 3.17 21.43
C ILE A 1001 32.28 2.64 21.99
N GLY A 1002 32.74 1.50 21.49
CA GLY A 1002 33.97 0.90 21.98
C GLY A 1002 35.22 1.70 21.66
N ALA A 1003 35.29 2.25 20.45
CA ALA A 1003 36.48 2.98 20.04
C ALA A 1003 36.73 4.20 20.91
N ILE A 1004 35.67 4.93 21.26
CA ILE A 1004 35.83 6.12 22.09
C ILE A 1004 36.34 5.76 23.47
N ALA A 1005 35.96 4.59 23.98
CA ALA A 1005 36.39 4.18 25.32
C ALA A 1005 37.90 4.03 25.41
N VAL A 1006 38.53 3.43 24.39
CA VAL A 1006 39.98 3.26 24.42
C VAL A 1006 40.68 4.62 24.42
N VAL A 1007 40.21 5.55 23.60
CA VAL A 1007 40.80 6.89 23.58
C VAL A 1007 40.50 7.63 24.88
N ALA A 1008 39.32 7.39 25.47
CA ALA A 1008 38.96 8.08 26.71
C ALA A 1008 39.93 7.74 27.84
N VAL A 1009 40.27 6.45 27.99
CA VAL A 1009 41.20 6.06 29.04
C VAL A 1009 42.61 6.56 28.74
N LEU A 1010 43.02 6.55 27.47
CA LEU A 1010 44.37 6.98 27.12
C LEU A 1010 44.59 8.45 27.45
N GLN A 1011 43.62 9.31 27.13
CA GLN A 1011 43.84 10.72 27.45
C GLN A 1011 43.56 10.99 28.91
N PRO A 1012 44.22 12.01 29.48
CA PRO A 1012 44.03 12.31 30.91
C PRO A 1012 42.60 12.67 31.29
N TYR A 1013 41.86 13.34 30.41
CA TYR A 1013 40.52 13.80 30.78
C TYR A 1013 39.49 13.61 29.68
N ILE A 1014 39.76 12.76 28.67
CA ILE A 1014 38.78 12.55 27.61
C ILE A 1014 37.50 11.92 28.14
N PHE A 1015 37.58 11.18 29.25
CA PHE A 1015 36.37 10.62 29.84
C PHE A 1015 35.44 11.71 30.35
N VAL A 1016 35.99 12.78 30.92
CA VAL A 1016 35.17 13.90 31.37
C VAL A 1016 34.48 14.56 30.18
N ALA A 1017 35.21 14.77 29.09
CA ALA A 1017 34.60 15.34 27.89
C ALA A 1017 33.52 14.41 27.31
N THR A 1018 33.81 13.12 27.27
CA THR A 1018 32.82 12.16 26.77
C THR A 1018 31.59 12.10 27.66
N VAL A 1019 31.77 12.25 28.97
CA VAL A 1019 30.67 12.22 29.93
C VAL A 1019 29.68 13.33 29.59
N PRO A 1020 30.15 14.54 29.28
CA PRO A 1020 29.22 15.61 28.90
C PRO A 1020 28.75 15.48 27.46
N VAL A 1021 29.56 14.84 26.62
CA VAL A 1021 29.20 14.68 25.21
C VAL A 1021 28.13 13.61 25.05
N ILE A 1022 28.28 12.47 25.72
CA ILE A 1022 27.34 11.37 25.55
C ILE A 1022 25.95 11.77 26.04
N VAL A 1023 25.86 12.68 27.00
CA VAL A 1023 24.55 13.11 27.49
C VAL A 1023 23.78 13.86 26.42
N ALA A 1024 24.48 14.63 25.59
CA ALA A 1024 23.81 15.40 24.54
C ALA A 1024 23.22 14.52 23.46
N PHE A 1025 23.67 13.27 23.35
CA PHE A 1025 23.16 12.38 22.31
C PHE A 1025 21.67 12.11 22.48
N ILE A 1026 21.24 11.88 23.72
CA ILE A 1026 19.83 11.58 23.98
C ILE A 1026 18.95 12.79 23.67
N MET A 1027 19.41 13.98 24.05
CA MET A 1027 18.59 15.19 23.88
C MET A 1027 18.29 15.47 22.41
N LEU A 1028 19.29 15.30 21.54
CA LEU A 1028 19.08 15.61 20.13
C LEU A 1028 18.13 14.61 19.48
N ARG A 1029 18.34 13.32 19.71
CA ARG A 1029 17.51 12.31 19.06
C ARG A 1029 16.07 12.36 19.56
N ALA A 1030 15.88 12.42 20.88
CA ALA A 1030 14.53 12.39 21.44
C ALA A 1030 13.71 13.60 21.01
N TYR A 1031 14.31 14.79 21.04
CA TYR A 1031 13.58 15.99 20.61
C TYR A 1031 13.22 15.93 19.14
N PHE A 1032 14.16 15.48 18.30
CA PHE A 1032 13.89 15.38 16.87
C PHE A 1032 12.84 14.31 16.58
N LEU A 1033 12.91 13.18 17.28
CA LEU A 1033 11.95 12.11 17.04
C LEU A 1033 10.54 12.52 17.43
N GLN A 1034 10.39 13.51 18.31
CA GLN A 1034 9.07 13.96 18.71
C GLN A 1034 8.28 14.52 17.52
N THR A 1035 8.94 15.31 16.68
CA THR A 1035 8.29 15.89 15.51
C THR A 1035 8.44 15.00 14.28
N SER A 1036 9.53 14.26 14.18
CA SER A 1036 9.77 13.43 13.01
C SER A 1036 8.71 12.33 12.90
N GLN A 1037 8.35 11.70 14.02
CA GLN A 1037 7.33 10.67 14.00
C GLN A 1037 5.98 11.23 13.57
N GLN A 1038 5.61 12.40 14.09
CA GLN A 1038 4.35 13.02 13.70
C GLN A 1038 4.38 13.48 12.24
N LEU A 1039 5.50 14.07 11.82
CA LEU A 1039 5.60 14.53 10.43
C LEU A 1039 5.56 13.37 9.46
N LYS A 1040 6.25 12.27 9.77
CA LYS A 1040 6.22 11.10 8.90
C LYS A 1040 4.81 10.51 8.83
N GLN A 1041 4.12 10.44 9.97
CA GLN A 1041 2.75 9.94 9.97
C GLN A 1041 1.83 10.87 9.18
N LEU A 1042 2.00 12.18 9.34
CA LEU A 1042 1.16 13.12 8.60
C LEU A 1042 1.47 13.10 7.10
N GLU A 1043 2.73 12.87 6.75
CA GLU A 1043 3.10 12.84 5.33
C GLU A 1043 2.44 11.66 4.61
N SER A 1044 2.46 10.48 5.23
CA SER A 1044 1.82 9.32 4.62
C SER A 1044 0.30 9.48 4.62
N GLU A 1045 -0.25 10.11 5.66
CA GLU A 1045 -1.69 10.31 5.73
C GLU A 1045 -2.21 11.17 4.59
N GLY A 1046 -1.48 12.25 4.25
CA GLY A 1046 -1.92 13.13 3.19
C GLY A 1046 -1.73 12.60 1.79
N ARG A 1047 -0.99 11.49 1.62
CA ARG A 1047 -0.79 10.90 0.31
C ARG A 1047 -2.04 10.18 -0.20
N SER A 1048 -2.92 9.75 0.69
CA SER A 1048 -4.14 9.05 0.32
C SER A 1048 -5.03 9.93 -0.56
N PRO A 1049 -5.19 11.22 -0.22
CA PRO A 1049 -6.06 12.07 -1.03
C PRO A 1049 -5.63 12.17 -2.48
N ILE A 1050 -4.32 12.15 -2.75
CA ILE A 1050 -3.85 12.17 -4.13
C ILE A 1050 -4.28 10.91 -4.86
N PHE A 1051 -4.10 9.74 -4.24
CA PHE A 1051 -4.53 8.50 -4.86
C PHE A 1051 -6.05 8.42 -4.96
N THR A 1052 -6.76 8.93 -3.95
CA THR A 1052 -8.22 8.87 -3.96
C THR A 1052 -8.80 9.68 -5.11
N HIS A 1053 -8.26 10.87 -5.37
CA HIS A 1053 -8.77 11.69 -6.45
C HIS A 1053 -8.37 11.13 -7.81
N LEU A 1054 -7.20 10.49 -7.89
CA LEU A 1054 -6.71 9.97 -9.17
C LEU A 1054 -7.64 8.88 -9.71
N VAL A 1055 -8.01 7.92 -8.87
CA VAL A 1055 -8.85 6.83 -9.33
C VAL A 1055 -10.26 7.32 -9.61
N THR A 1056 -10.81 8.18 -8.75
CA THR A 1056 -12.17 8.67 -8.93
C THR A 1056 -12.29 9.47 -10.22
N SER A 1057 -11.32 10.33 -10.51
CA SER A 1057 -11.37 11.12 -11.74
C SER A 1057 -11.24 10.24 -12.97
N LEU A 1058 -10.40 9.20 -12.89
CA LEU A 1058 -10.19 8.33 -14.04
C LEU A 1058 -11.45 7.59 -14.44
N LYS A 1059 -12.23 7.11 -13.46
CA LYS A 1059 -13.44 6.37 -13.78
C LYS A 1059 -14.49 7.24 -14.45
N GLY A 1060 -14.63 8.48 -14.02
CA GLY A 1060 -15.62 9.38 -14.58
C GLY A 1060 -15.09 10.21 -15.72
N LEU A 1061 -14.32 9.58 -16.62
CA LEU A 1061 -13.74 10.31 -17.74
C LEU A 1061 -14.81 10.74 -18.74
N TRP A 1062 -15.72 9.82 -19.09
CA TRP A 1062 -16.71 10.11 -20.12
C TRP A 1062 -17.63 11.25 -19.70
N THR A 1063 -18.13 11.22 -18.46
CA THR A 1063 -19.02 12.28 -18.00
C THR A 1063 -18.31 13.63 -17.94
N LEU A 1064 -17.08 13.66 -17.43
CA LEU A 1064 -16.34 14.91 -17.36
C LEU A 1064 -16.00 15.43 -18.76
N ARG A 1065 -15.62 14.53 -19.67
CA ARG A 1065 -15.25 14.95 -21.02
C ARG A 1065 -16.45 15.48 -21.81
N ALA A 1066 -17.67 15.10 -21.43
CA ALA A 1066 -18.84 15.60 -22.14
C ALA A 1066 -18.97 17.12 -22.01
N PHE A 1067 -18.92 17.62 -20.78
CA PHE A 1067 -18.90 19.07 -20.57
C PHE A 1067 -17.52 19.67 -20.84
N GLY A 1068 -16.48 18.85 -20.87
CA GLY A 1068 -15.13 19.35 -21.09
C GLY A 1068 -14.61 20.26 -19.99
N ARG A 1069 -14.96 19.97 -18.74
CA ARG A 1069 -14.50 20.78 -17.62
C ARG A 1069 -13.09 20.40 -17.20
N GLN A 1070 -12.15 20.40 -18.16
CA GLN A 1070 -10.76 20.10 -17.89
C GLN A 1070 -10.16 21.16 -16.96
N PRO A 1071 -10.39 22.45 -17.24
CA PRO A 1071 -9.85 23.48 -16.35
C PRO A 1071 -10.32 23.35 -14.91
N TYR A 1072 -11.59 22.98 -14.71
CA TYR A 1072 -12.05 22.71 -13.35
C TYR A 1072 -11.42 21.46 -12.78
N PHE A 1073 -11.30 20.40 -13.60
CA PHE A 1073 -10.65 19.19 -13.16
C PHE A 1073 -9.16 19.42 -12.89
N GLU A 1074 -8.50 20.18 -13.77
CA GLU A 1074 -7.08 20.47 -13.57
C GLU A 1074 -6.86 21.28 -12.29
N THR A 1075 -7.71 22.29 -12.05
CA THR A 1075 -7.60 23.06 -10.82
C THR A 1075 -7.89 22.19 -9.59
N LEU A 1076 -8.77 21.20 -9.73
CA LEU A 1076 -9.09 20.31 -8.62
C LEU A 1076 -7.90 19.45 -8.21
N PHE A 1077 -6.89 19.33 -9.06
CA PHE A 1077 -5.72 18.51 -8.77
C PHE A 1077 -4.46 19.32 -8.48
N HIS A 1078 -4.33 20.52 -9.03
CA HIS A 1078 -3.13 21.32 -8.81
C HIS A 1078 -2.98 21.67 -7.33
N LYS A 1079 -4.06 22.05 -6.67
CA LYS A 1079 -3.98 22.40 -5.25
C LYS A 1079 -3.67 21.19 -4.38
N ALA A 1080 -4.11 20.00 -4.78
CA ALA A 1080 -3.89 18.80 -3.99
C ALA A 1080 -2.40 18.49 -3.84
N LEU A 1081 -1.63 18.62 -4.93
CA LEU A 1081 -0.21 18.33 -4.87
C LEU A 1081 0.53 19.30 -3.95
N ASN A 1082 0.04 20.52 -3.83
CA ASN A 1082 0.69 21.51 -2.96
C ASN A 1082 0.62 21.09 -1.50
N LEU A 1083 -0.48 20.46 -1.08
CA LEU A 1083 -0.62 20.05 0.31
C LEU A 1083 0.45 19.03 0.71
N HIS A 1084 0.70 18.05 -0.16
CA HIS A 1084 1.72 17.05 0.14
C HIS A 1084 3.12 17.66 0.10
N THR A 1085 3.34 18.61 -0.80
CA THR A 1085 4.65 19.24 -0.91
C THR A 1085 5.01 20.02 0.35
N ALA A 1086 4.03 20.73 0.92
CA ALA A 1086 4.31 21.55 2.11
C ALA A 1086 4.77 20.69 3.28
N ASN A 1087 4.10 19.56 3.51
CA ASN A 1087 4.51 18.68 4.61
C ASN A 1087 5.83 17.98 4.30
N TRP A 1088 6.05 17.69 3.03
CA TRP A 1088 7.27 17.01 2.60
C TRP A 1088 8.53 17.85 2.85
N PHE A 1089 8.47 19.12 2.48
CA PHE A 1089 9.62 20.01 2.66
C PHE A 1089 9.91 20.26 4.13
N LEU A 1090 8.86 20.46 4.94
CA LEU A 1090 9.06 20.66 6.37
C LEU A 1090 9.68 19.44 7.02
N TYR A 1091 9.21 18.24 6.65
CA TYR A 1091 9.83 17.02 7.17
C TYR A 1091 11.25 16.84 6.65
N LEU A 1092 11.51 17.24 5.40
CA LEU A 1092 12.85 17.14 4.85
C LEU A 1092 13.79 18.17 5.47
N SER A 1093 13.31 19.41 5.63
CA SER A 1093 14.14 20.44 6.24
C SER A 1093 14.48 20.10 7.69
N THR A 1094 13.50 19.58 8.42
CA THR A 1094 13.76 19.19 9.82
C THR A 1094 14.75 18.04 9.90
N LEU A 1095 14.69 17.11 8.93
CA LEU A 1095 15.61 15.98 8.94
C LEU A 1095 17.06 16.44 8.84
N ARG A 1096 17.33 17.43 7.98
CA ARG A 1096 18.68 17.96 7.88
C ARG A 1096 19.07 18.77 9.10
N TRP A 1097 18.10 19.42 9.75
CA TRP A 1097 18.41 20.26 10.91
C TRP A 1097 19.04 19.45 12.03
N PHE A 1098 18.47 18.28 12.34
CA PHE A 1098 19.09 17.42 13.34
C PHE A 1098 20.43 16.91 12.87
N GLN A 1099 20.54 16.54 11.59
CA GLN A 1099 21.81 16.06 11.06
C GLN A 1099 22.86 17.16 11.06
N MET A 1100 22.48 18.39 10.71
CA MET A 1100 23.43 19.49 10.69
C MET A 1100 23.96 19.78 12.08
N ARG A 1101 23.08 19.81 13.08
CA ARG A 1101 23.54 20.05 14.45
C ARG A 1101 24.37 18.89 14.98
N ILE A 1102 24.21 17.69 14.40
CA ILE A 1102 24.96 16.54 14.85
C ILE A 1102 26.45 16.72 14.60
N GLU A 1103 26.83 17.25 13.43
CA GLU A 1103 28.24 17.44 13.13
C GLU A 1103 28.90 18.43 14.07
N MET A 1104 28.12 19.35 14.64
CA MET A 1104 28.68 20.31 15.59
C MET A 1104 29.16 19.61 16.86
N ILE A 1105 28.44 18.59 17.32
CA ILE A 1105 28.84 17.87 18.53
C ILE A 1105 30.16 17.14 18.30
N PHE A 1106 30.30 16.47 17.15
CA PHE A 1106 31.53 15.74 16.86
C PHE A 1106 32.72 16.67 16.73
N VAL A 1107 32.54 17.84 16.12
CA VAL A 1107 33.64 18.78 15.96
C VAL A 1107 34.17 19.25 17.32
N ILE A 1108 33.27 19.54 18.25
CA ILE A 1108 33.68 19.97 19.58
C ILE A 1108 34.45 18.86 20.28
N PHE A 1109 33.97 17.61 20.17
CA PHE A 1109 34.70 16.48 20.75
C PHE A 1109 36.05 16.30 20.05
N PHE A 1110 36.07 16.42 18.72
CA PHE A 1110 37.33 16.30 17.99
C PHE A 1110 38.30 17.41 18.37
N ILE A 1111 37.80 18.63 18.53
CA ILE A 1111 38.66 19.73 18.96
C ILE A 1111 39.20 19.47 20.36
N ALA A 1112 38.34 18.98 21.26
CA ALA A 1112 38.79 18.66 22.61
C ALA A 1112 39.81 17.52 22.59
N VAL A 1113 39.60 16.53 21.72
CA VAL A 1113 40.54 15.42 21.63
C VAL A 1113 41.91 15.91 21.16
N THR A 1114 41.93 16.77 20.15
CA THR A 1114 43.21 17.27 19.64
C THR A 1114 43.92 18.14 20.68
N PHE A 1115 43.17 18.99 21.38
CA PHE A 1115 43.79 19.90 22.34
C PHE A 1115 44.44 19.15 23.49
N ILE A 1116 43.71 18.20 24.08
CA ILE A 1116 44.25 17.44 25.21
C ILE A 1116 45.45 16.61 24.78
N SER A 1117 45.34 15.95 23.62
CA SER A 1117 46.44 15.11 23.14
C SER A 1117 47.69 15.95 22.83
N ILE A 1118 47.50 17.13 22.23
CA ILE A 1118 48.64 17.97 21.89
C ILE A 1118 49.37 18.42 23.16
N LEU A 1119 48.63 18.84 24.17
CA LEU A 1119 49.26 19.27 25.42
C LEU A 1119 49.84 18.11 26.19
N THR A 1120 49.48 16.88 25.83
CA THR A 1120 50.00 15.70 26.51
C THR A 1120 51.38 15.32 26.00
N GLY A 1124 56.01 9.11 24.65
CA GLY A 1124 55.91 8.29 23.46
C GLY A 1124 54.95 8.86 22.43
N GLU A 1125 55.20 8.56 21.16
CA GLU A 1125 54.38 9.03 20.06
C GLU A 1125 53.34 8.01 19.60
N GLY A 1126 53.51 6.74 19.97
CA GLY A 1126 52.55 5.73 19.56
C GLY A 1126 51.17 5.96 20.13
N ARG A 1127 51.09 6.26 21.43
CA ARG A 1127 49.80 6.55 22.05
C ARG A 1127 49.17 7.81 21.45
N VAL A 1128 49.98 8.85 21.25
CA VAL A 1128 49.47 10.06 20.62
C VAL A 1128 49.07 9.80 19.17
N GLY A 1129 49.90 9.05 18.44
CA GLY A 1129 49.58 8.74 17.06
C GLY A 1129 48.35 7.88 16.91
N ILE A 1130 48.19 6.85 17.75
CA ILE A 1130 47.00 6.01 17.68
C ILE A 1130 45.76 6.81 18.02
N ILE A 1131 45.82 7.67 19.04
CA ILE A 1131 44.68 8.50 19.39
C ILE A 1131 44.38 9.50 18.27
N LEU A 1132 45.42 10.04 17.65
CA LEU A 1132 45.21 10.98 16.55
C LEU A 1132 44.54 10.30 15.36
N THR A 1133 44.95 9.06 15.05
CA THR A 1133 44.37 8.34 13.92
C THR A 1133 42.88 8.06 14.15
N LEU A 1134 42.52 7.66 15.37
CA LEU A 1134 41.11 7.35 15.65
C LEU A 1134 40.23 8.59 15.57
N ALA A 1135 40.81 9.78 15.75
CA ALA A 1135 40.02 11.00 15.70
C ALA A 1135 39.39 11.22 14.33
N MET A 1136 40.18 11.06 13.26
CA MET A 1136 39.66 11.26 11.91
C MET A 1136 38.85 10.04 11.45
N ASN A 1137 39.04 8.89 12.09
CA ASN A 1137 38.40 7.66 11.68
C ASN A 1137 37.10 7.38 12.42
N ILE A 1138 36.43 8.42 12.91
CA ILE A 1138 35.18 8.25 13.65
C ILE A 1138 34.11 9.15 13.08
N MET A 1139 34.50 10.07 12.19
CA MET A 1139 33.56 11.02 11.62
C MET A 1139 32.47 10.31 10.81
N SER A 1140 32.89 9.59 9.76
CA SER A 1140 31.91 8.94 8.89
C SER A 1140 31.13 7.86 9.62
N THR A 1141 31.79 7.11 10.50
CA THR A 1141 31.10 6.04 11.23
C THR A 1141 30.00 6.60 12.12
N LEU A 1142 30.26 7.72 12.79
CA LEU A 1142 29.25 8.32 13.65
C LEU A 1142 28.05 8.79 12.85
N GLN A 1143 28.28 9.37 11.67
CA GLN A 1143 27.17 9.86 10.85
C GLN A 1143 26.25 8.72 10.42
N TRP A 1144 26.82 7.60 9.96
CA TRP A 1144 25.99 6.47 9.57
C TRP A 1144 25.30 5.86 10.77
N ALA A 1145 25.95 5.89 11.94
CA ALA A 1145 25.36 5.30 13.14
C ALA A 1145 24.11 6.06 13.56
N VAL A 1146 24.17 7.39 13.56
CA VAL A 1146 23.02 8.20 13.99
C VAL A 1146 21.85 8.02 13.04
N ASN A 1147 22.13 7.94 11.74
CA ASN A 1147 21.05 7.79 10.75
C ASN A 1147 20.33 6.46 10.93
N SER A 1148 21.08 5.39 11.21
CA SER A 1148 20.46 4.08 11.36
C SER A 1148 19.54 4.02 12.58
N SER A 1149 19.90 4.69 13.68
CA SER A 1149 19.08 4.64 14.88
C SER A 1149 17.73 5.30 14.67
N ILE A 1150 17.66 6.32 13.81
CA ILE A 1150 16.38 6.99 13.55
C ILE A 1150 15.41 6.05 12.86
N ASP A 1151 15.88 5.29 11.86
CA ASP A 1151 15.01 4.39 11.12
C ASP A 1151 14.64 3.15 11.91
N VAL A 1152 15.29 2.92 13.05
CA VAL A 1152 14.99 1.72 13.84
C VAL A 1152 13.55 1.75 14.34
N ASP A 1153 13.10 2.91 14.83
CA ASP A 1153 11.73 3.02 15.31
C ASP A 1153 10.72 2.88 14.18
N SER A 1154 11.07 3.31 12.97
CA SER A 1154 10.15 3.20 11.84
C SER A 1154 9.85 1.75 11.52
N LEU A 1155 10.87 0.90 11.50
CA LEU A 1155 10.64 -0.52 11.22
C LEU A 1155 10.01 -1.23 12.42
N MET A 1156 10.46 -0.90 13.64
CA MET A 1156 9.93 -1.55 14.82
C MET A 1156 8.48 -1.16 15.10
N ARG A 1157 7.99 -0.09 14.47
CA ARG A 1157 6.62 0.35 14.72
C ARG A 1157 5.61 -0.71 14.29
N SER A 1158 5.85 -1.36 13.15
CA SER A 1158 4.94 -2.40 12.68
C SER A 1158 4.92 -3.59 13.63
N VAL A 1159 6.08 -3.96 14.19
CA VAL A 1159 6.14 -5.09 15.11
C VAL A 1159 5.30 -4.82 16.36
N SER A 1160 5.35 -3.59 16.87
CA SER A 1160 4.53 -3.25 18.03
C SER A 1160 3.04 -3.36 17.71
N ARG A 1161 2.64 -2.91 16.52
CA ARG A 1161 1.24 -3.07 16.11
C ARG A 1161 0.85 -4.53 15.99
N VAL A 1162 1.75 -5.37 15.48
CA VAL A 1162 1.47 -6.80 15.43
C VAL A 1162 1.33 -7.37 16.85
N PHE A 1163 2.17 -6.91 17.78
CA PHE A 1163 2.02 -7.35 19.17
C PHE A 1163 0.67 -6.92 19.74
N LYS A 1164 0.18 -5.74 19.36
CA LYS A 1164 -1.17 -5.34 19.77
C LYS A 1164 -2.22 -6.28 19.20
N PHE A 1165 -2.07 -6.68 17.93
CA PHE A 1165 -2.98 -7.66 17.36
C PHE A 1165 -2.83 -9.01 18.04
N ILE A 1166 -1.64 -9.31 18.56
CA ILE A 1166 -1.42 -10.58 19.26
C ILE A 1166 -2.25 -10.66 20.53
N ASP A 1167 -2.56 -9.52 21.16
CA ASP A 1167 -3.43 -9.49 22.32
C ASP A 1167 -4.91 -9.52 21.95
N MET A 1168 -5.32 -10.49 21.13
CA MET A 1168 -6.70 -10.58 20.68
C MET A 1168 -7.59 -11.15 21.78
N PRO A 1169 -8.87 -10.78 21.79
CA PRO A 1169 -9.79 -11.32 22.80
C PRO A 1169 -10.18 -12.76 22.48
N THR A 1170 -10.22 -13.58 23.54
CA THR A 1170 -10.59 -14.98 23.39
C THR A 1170 -12.06 -15.10 22.98
N GLU A 1171 -12.33 -16.09 22.12
CA GLU A 1171 -13.71 -16.32 21.67
C GLU A 1171 -14.60 -16.74 22.84
N GLY A 1172 -14.10 -17.61 23.70
CA GLY A 1172 -14.88 -18.07 24.84
C GLY A 1172 -14.15 -17.91 26.17
N GLY A 1206 -30.72 -37.52 18.21
CA GLY A 1206 -31.25 -36.73 19.31
C GLY A 1206 -31.58 -35.31 18.91
N GLY A 1207 -32.57 -35.14 18.05
CA GLY A 1207 -32.97 -33.83 17.58
C GLY A 1207 -33.85 -33.05 18.53
N GLN A 1208 -34.30 -33.67 19.62
CA GLN A 1208 -35.14 -32.96 20.59
C GLN A 1208 -34.31 -31.92 21.34
N MET A 1209 -34.83 -30.70 21.40
CA MET A 1209 -34.13 -29.61 22.07
C MET A 1209 -35.14 -28.54 22.44
N THR A 1210 -34.74 -27.67 23.37
CA THR A 1210 -35.57 -26.57 23.81
C THR A 1210 -34.70 -25.50 24.43
N VAL A 1211 -35.21 -24.27 24.42
CA VAL A 1211 -34.51 -23.12 24.99
C VAL A 1211 -35.55 -22.09 25.41
N LYS A 1212 -35.13 -21.17 26.29
CA LYS A 1212 -36.02 -20.12 26.75
C LYS A 1212 -35.18 -18.91 27.18
N ASP A 1213 -35.84 -17.75 27.19
CA ASP A 1213 -35.20 -16.49 27.60
C ASP A 1213 -33.96 -16.18 26.78
N LEU A 1214 -33.99 -16.51 25.49
CA LEU A 1214 -32.85 -16.30 24.61
C LEU A 1214 -32.94 -14.92 23.99
N THR A 1215 -32.18 -13.98 24.54
CA THR A 1215 -32.09 -12.63 24.00
C THR A 1215 -30.70 -12.43 23.40
N ALA A 1216 -30.66 -11.98 22.15
CA ALA A 1216 -29.41 -11.83 21.41
C ALA A 1216 -29.31 -10.44 20.81
N LYS A 1217 -28.07 -9.94 20.71
CA LYS A 1217 -27.79 -8.65 20.12
C LYS A 1217 -26.52 -8.75 19.29
N TYR A 1218 -26.53 -8.10 18.12
CA TYR A 1218 -25.35 -8.12 17.26
C TYR A 1218 -24.16 -7.47 17.93
N THR A 1219 -24.37 -6.35 18.60
CA THR A 1219 -23.32 -5.66 19.34
C THR A 1219 -23.34 -6.07 20.80
N GLU A 1220 -22.35 -5.59 21.55
CA GLU A 1220 -22.24 -5.89 22.97
C GLU A 1220 -23.30 -5.11 23.75
N GLY A 1221 -24.44 -5.74 24.02
CA GLY A 1221 -25.52 -5.08 24.72
C GLY A 1221 -26.28 -4.06 23.89
N GLY A 1222 -26.32 -4.24 22.57
CA GLY A 1222 -27.02 -3.32 21.69
C GLY A 1222 -28.48 -3.66 21.53
N ASN A 1223 -29.02 -3.32 20.35
CA ASN A 1223 -30.41 -3.63 20.05
C ASN A 1223 -30.65 -5.13 20.07
N ALA A 1224 -31.72 -5.55 20.72
CA ALA A 1224 -32.02 -6.97 20.90
C ALA A 1224 -32.57 -7.53 19.60
N ILE A 1225 -31.71 -8.23 18.86
CA ILE A 1225 -32.16 -8.97 17.68
C ILE A 1225 -33.13 -10.06 18.10
N LEU A 1226 -32.81 -10.78 19.17
CA LEU A 1226 -33.71 -11.73 19.80
C LEU A 1226 -34.13 -11.18 21.15
N GLU A 1227 -35.39 -11.43 21.52
CA GLU A 1227 -35.95 -10.90 22.76
C GLU A 1227 -36.54 -12.07 23.55
N ASN A 1228 -35.70 -12.69 24.39
CA ASN A 1228 -36.12 -13.81 25.23
C ASN A 1228 -36.76 -14.94 24.42
N ILE A 1229 -36.13 -15.31 23.31
CA ILE A 1229 -36.70 -16.28 22.41
C ILE A 1229 -36.82 -17.64 23.09
N SER A 1230 -37.97 -18.29 22.90
CA SER A 1230 -38.21 -19.64 23.39
C SER A 1230 -38.90 -20.44 22.30
N PHE A 1231 -38.46 -21.68 22.13
CA PHE A 1231 -39.00 -22.52 21.07
C PHE A 1231 -38.89 -23.98 21.46
N SER A 1232 -39.69 -24.81 20.80
CA SER A 1232 -39.69 -26.26 21.01
C SER A 1232 -39.25 -26.93 19.72
N ILE A 1233 -38.32 -27.88 19.84
CA ILE A 1233 -37.76 -28.59 18.71
C ILE A 1233 -38.10 -30.06 18.87
N SER A 1234 -39.19 -30.50 18.24
CA SER A 1234 -39.56 -31.90 18.27
C SER A 1234 -38.76 -32.67 17.21
N PRO A 1235 -38.20 -33.82 17.57
CA PRO A 1235 -37.39 -34.57 16.61
C PRO A 1235 -38.24 -35.20 15.52
N GLY A 1236 -37.59 -35.51 14.40
CA GLY A 1236 -38.26 -36.16 13.29
C GLY A 1236 -39.31 -35.33 12.59
N GLN A 1237 -39.02 -34.06 12.33
CA GLN A 1237 -39.96 -33.19 11.64
C GLN A 1237 -39.20 -32.05 10.98
N ARG A 1238 -39.84 -31.41 10.00
CA ARG A 1238 -39.28 -30.25 9.32
C ARG A 1238 -40.07 -29.02 9.75
N VAL A 1239 -39.37 -28.05 10.33
CA VAL A 1239 -40.00 -26.83 10.82
C VAL A 1239 -39.47 -25.63 10.06
N GLY A 1240 -40.27 -25.12 9.12
CA GLY A 1240 -39.86 -23.96 8.35
C GLY A 1240 -39.84 -22.71 9.21
N LEU A 1241 -38.68 -22.11 9.39
CA LEU A 1241 -38.53 -20.89 10.17
C LEU A 1241 -38.61 -19.65 9.29
N LEU A 1242 -39.73 -19.49 8.60
CA LEU A 1242 -39.95 -18.36 7.71
C LEU A 1242 -40.58 -17.21 8.50
N GLY A 1243 -41.10 -16.20 7.81
CA GLY A 1243 -41.72 -15.08 8.47
C GLY A 1243 -41.70 -13.82 7.63
N ARG A 1244 -41.62 -12.66 8.29
CA ARG A 1244 -41.53 -11.39 7.58
C ARG A 1244 -40.14 -11.21 7.00
N THR A 1245 -39.81 -11.99 5.98
CA THR A 1245 -38.47 -11.96 5.40
C THR A 1245 -38.21 -10.64 4.69
N GLY A 1246 -36.94 -10.37 4.43
CA GLY A 1246 -36.51 -9.13 3.82
C GLY A 1246 -35.87 -8.15 4.79
N SER A 1247 -36.05 -8.36 6.10
CA SER A 1247 -35.41 -7.51 7.10
C SER A 1247 -34.10 -8.10 7.61
N GLY A 1248 -33.70 -9.25 7.12
CA GLY A 1248 -32.47 -9.88 7.56
C GLY A 1248 -32.68 -10.98 8.58
N LYS A 1249 -32.56 -12.23 8.14
CA LYS A 1249 -32.72 -13.38 9.03
C LYS A 1249 -31.41 -14.08 9.33
N SER A 1250 -30.27 -13.53 8.90
CA SER A 1250 -28.99 -14.15 9.18
C SER A 1250 -28.69 -14.16 10.68
N THR A 1251 -29.16 -13.16 11.41
CA THR A 1251 -28.97 -13.14 12.86
C THR A 1251 -29.67 -14.31 13.53
N LEU A 1252 -30.88 -14.66 13.09
CA LEU A 1252 -31.59 -15.80 13.65
C LEU A 1252 -30.83 -17.10 13.45
N LEU A 1253 -30.27 -17.31 12.25
CA LEU A 1253 -29.40 -18.46 12.04
C LEU A 1253 -28.16 -18.38 12.91
N SER A 1254 -27.56 -17.18 13.00
CA SER A 1254 -26.41 -16.99 13.89
C SER A 1254 -26.80 -17.19 15.34
N ALA A 1255 -28.05 -16.88 15.71
CA ALA A 1255 -28.49 -17.08 17.08
C ALA A 1255 -28.46 -18.55 17.46
N PHE A 1256 -28.89 -19.43 16.56
CA PHE A 1256 -28.79 -20.87 16.83
C PHE A 1256 -27.33 -21.33 16.84
N LEU A 1257 -26.44 -20.58 16.18
CA LEU A 1257 -25.03 -20.89 16.16
C LEU A 1257 -24.25 -20.21 17.29
N ARG A 1258 -24.89 -19.34 18.06
CA ARG A 1258 -24.26 -18.62 19.17
C ARG A 1258 -23.03 -17.84 18.70
N LEU A 1259 -23.09 -17.28 17.49
CA LEU A 1259 -21.99 -16.52 16.91
C LEU A 1259 -22.25 -15.02 16.96
N LEU A 1260 -22.88 -14.54 18.03
CA LEU A 1260 -23.18 -13.12 18.18
C LEU A 1260 -22.65 -12.64 19.52
N ASN A 1261 -22.76 -11.33 19.75
CA ASN A 1261 -22.28 -10.72 20.99
C ASN A 1261 -23.34 -10.83 22.09
N THR A 1262 -23.64 -12.08 22.45
CA THR A 1262 -24.64 -12.39 23.46
C THR A 1262 -24.39 -13.81 23.97
N GLU A 1263 -25.36 -14.32 24.71
CA GLU A 1263 -25.27 -15.66 25.29
C GLU A 1263 -26.68 -16.18 25.52
N GLY A 1264 -26.76 -17.46 25.88
CA GLY A 1264 -28.04 -18.09 26.14
C GLY A 1264 -27.85 -19.44 26.80
N GLU A 1265 -28.98 -20.09 27.07
CA GLU A 1265 -29.01 -21.41 27.70
C GLU A 1265 -29.67 -22.38 26.72
N ILE A 1266 -28.85 -22.99 25.86
CA ILE A 1266 -29.34 -23.90 24.83
C ILE A 1266 -29.34 -25.31 25.43
N GLN A 1267 -30.52 -25.78 25.84
CA GLN A 1267 -30.67 -27.14 26.37
C GLN A 1267 -30.95 -28.10 25.21
N ILE A 1268 -29.89 -28.38 24.46
CA ILE A 1268 -29.96 -29.19 23.26
C ILE A 1268 -29.13 -30.45 23.47
N ASP A 1269 -29.72 -31.60 23.09
CA ASP A 1269 -29.05 -32.90 23.17
C ASP A 1269 -28.61 -33.24 24.60
N GLY A 1270 -29.38 -32.78 25.58
CA GLY A 1270 -29.10 -33.08 26.97
C GLY A 1270 -27.99 -32.26 27.61
N VAL A 1271 -27.44 -31.28 26.90
CA VAL A 1271 -26.35 -30.47 27.42
C VAL A 1271 -26.74 -29.00 27.30
N SER A 1272 -26.10 -28.16 28.10
CA SER A 1272 -26.35 -26.74 28.11
C SER A 1272 -25.41 -26.02 27.13
N TRP A 1273 -25.68 -24.73 26.92
CA TRP A 1273 -24.86 -23.94 26.02
C TRP A 1273 -23.46 -23.71 26.55
N ASP A 1274 -23.26 -23.85 27.86
CA ASP A 1274 -21.95 -23.65 28.47
C ASP A 1274 -21.35 -24.90 29.07
N SER A 1275 -22.13 -25.94 29.31
CA SER A 1275 -21.58 -27.17 29.89
C SER A 1275 -20.65 -27.87 28.92
N ILE A 1276 -21.07 -28.02 27.68
CA ILE A 1276 -20.24 -28.70 26.67
C ILE A 1276 -19.29 -27.69 26.03
N THR A 1277 -18.20 -28.20 25.48
CA THR A 1277 -17.23 -27.33 24.81
C THR A 1277 -17.82 -26.71 23.56
N LEU A 1278 -17.45 -25.46 23.30
CA LEU A 1278 -17.94 -24.77 22.11
C LEU A 1278 -17.50 -25.47 20.83
N GLN A 1279 -16.24 -25.92 20.78
CA GLN A 1279 -15.79 -26.70 19.63
C GLN A 1279 -16.56 -28.01 19.51
N GLN A 1280 -16.79 -28.69 20.63
CA GLN A 1280 -17.63 -29.89 20.60
C GLN A 1280 -19.06 -29.57 20.18
N TRP A 1281 -19.61 -28.45 20.68
CA TRP A 1281 -20.95 -28.05 20.27
C TRP A 1281 -20.98 -27.58 18.82
N ARG A 1282 -19.84 -27.10 18.30
CA ARG A 1282 -19.78 -26.65 16.92
C ARG A 1282 -19.99 -27.79 15.93
N LYS A 1283 -19.72 -29.03 16.33
CA LYS A 1283 -19.92 -30.17 15.44
C LYS A 1283 -21.36 -30.69 15.45
N ALA A 1284 -22.21 -30.12 16.30
CA ALA A 1284 -23.58 -30.62 16.40
C ALA A 1284 -24.47 -30.04 15.29
N PHE A 1285 -24.46 -28.72 15.13
CA PHE A 1285 -25.34 -28.06 14.18
C PHE A 1285 -24.69 -27.96 12.80
N GLY A 1286 -25.50 -28.18 11.77
CA GLY A 1286 -25.06 -28.03 10.40
C GLY A 1286 -25.97 -27.07 9.66
N VAL A 1287 -25.39 -26.30 8.75
CA VAL A 1287 -26.11 -25.27 8.01
C VAL A 1287 -25.74 -25.37 6.53
N ILE A 1288 -26.68 -24.99 5.67
CA ILE A 1288 -26.43 -24.91 4.23
C ILE A 1288 -25.88 -23.52 3.94
N PRO A 1289 -24.64 -23.38 3.48
CA PRO A 1289 -24.07 -22.04 3.27
C PRO A 1289 -24.78 -21.29 2.16
N GLN A 1290 -24.88 -19.97 2.31
CA GLN A 1290 -25.43 -19.14 1.24
C GLN A 1290 -24.46 -18.99 0.10
N LYS A 1291 -23.18 -18.81 0.39
CA LYS A 1291 -22.10 -18.72 -0.60
C LYS A 1291 -20.90 -19.48 -0.02
N VAL A 1292 -20.84 -20.77 -0.33
CA VAL A 1292 -19.79 -21.61 0.23
C VAL A 1292 -18.44 -21.21 -0.34
N PHE A 1293 -17.41 -21.26 0.51
CA PHE A 1293 -16.04 -20.94 0.13
C PHE A 1293 -15.22 -22.23 0.19
N ILE A 1294 -15.21 -22.96 -0.92
CA ILE A 1294 -14.46 -24.21 -0.99
C ILE A 1294 -12.98 -23.91 -1.10
N PHE A 1295 -12.16 -24.71 -0.42
CA PHE A 1295 -10.72 -24.54 -0.47
C PHE A 1295 -10.20 -24.77 -1.88
N SER A 1296 -9.20 -23.99 -2.28
CA SER A 1296 -8.59 -24.09 -3.60
C SER A 1296 -7.66 -25.30 -3.60
N GLY A 1297 -8.16 -26.42 -4.09
CA GLY A 1297 -7.37 -27.64 -4.10
C GLY A 1297 -8.15 -28.78 -4.73
N THR A 1298 -7.59 -29.98 -4.59
CA THR A 1298 -8.24 -31.16 -5.13
C THR A 1298 -9.56 -31.41 -4.40
N PHE A 1299 -10.47 -32.11 -5.09
CA PHE A 1299 -11.80 -32.35 -4.52
C PHE A 1299 -11.71 -33.13 -3.21
N ARG A 1300 -10.86 -34.16 -3.18
CA ARG A 1300 -10.70 -34.94 -1.95
C ARG A 1300 -10.12 -34.08 -0.83
N LYS A 1301 -9.10 -33.26 -1.14
CA LYS A 1301 -8.48 -32.43 -0.12
C LYS A 1301 -9.35 -31.26 0.30
N ASN A 1302 -9.99 -30.58 -0.67
CA ASN A 1302 -10.80 -29.42 -0.33
C ASN A 1302 -12.01 -29.80 0.51
N LEU A 1303 -12.70 -30.88 0.16
CA LEU A 1303 -13.89 -31.29 0.88
C LEU A 1303 -13.58 -31.84 2.26
N ASP A 1304 -12.49 -32.58 2.42
CA ASP A 1304 -12.13 -33.20 3.70
C ASP A 1304 -10.68 -32.88 4.01
N PRO A 1305 -10.38 -31.62 4.34
CA PRO A 1305 -9.00 -31.27 4.70
C PRO A 1305 -8.49 -32.00 5.95
N TYR A 1306 -9.38 -32.38 6.86
CA TYR A 1306 -8.95 -33.10 8.06
C TYR A 1306 -8.37 -34.47 7.75
N GLU A 1307 -8.66 -35.02 6.57
CA GLU A 1307 -8.16 -36.32 6.12
C GLU A 1307 -8.58 -37.46 7.06
N GLN A 1308 -9.66 -37.26 7.81
CA GLN A 1308 -10.17 -38.30 8.71
C GLN A 1308 -11.06 -39.30 8.00
N TRP A 1309 -11.43 -39.05 6.75
CA TRP A 1309 -12.29 -39.96 6.00
C TRP A 1309 -11.45 -40.92 5.16
N SER A 1310 -11.82 -42.19 5.19
CA SER A 1310 -11.10 -43.21 4.45
C SER A 1310 -11.44 -43.15 2.96
N ASP A 1311 -10.58 -43.78 2.16
CA ASP A 1311 -10.82 -43.83 0.72
C ASP A 1311 -12.10 -44.59 0.39
N GLN A 1312 -12.35 -45.70 1.08
CA GLN A 1312 -13.61 -46.41 0.91
C GLN A 1312 -14.79 -45.55 1.35
N GLU A 1313 -14.63 -44.82 2.46
CA GLU A 1313 -15.69 -43.91 2.90
C GLU A 1313 -15.84 -42.72 1.95
N ILE A 1314 -14.81 -42.43 1.16
CA ILE A 1314 -14.88 -41.30 0.24
C ILE A 1314 -15.50 -41.71 -1.08
N TRP A 1315 -14.99 -42.79 -1.69
CA TRP A 1315 -15.49 -43.24 -2.98
C TRP A 1315 -16.95 -43.67 -2.90
N LYS A 1316 -17.32 -44.42 -1.86
CA LYS A 1316 -18.69 -44.88 -1.72
C LYS A 1316 -19.65 -43.71 -1.49
N VAL A 1317 -19.24 -42.74 -0.66
CA VAL A 1317 -20.10 -41.60 -0.38
C VAL A 1317 -20.29 -40.74 -1.63
N ALA A 1318 -19.25 -40.60 -2.45
CA ALA A 1318 -19.37 -39.81 -3.67
C ALA A 1318 -20.42 -40.38 -4.60
N ASP A 1319 -20.43 -41.70 -4.78
CA ASP A 1319 -21.50 -42.32 -5.57
C ASP A 1319 -22.84 -42.21 -4.85
N GLU A 1320 -22.85 -42.38 -3.53
CA GLU A 1320 -24.09 -42.26 -2.77
C GLU A 1320 -24.66 -40.85 -2.82
N VAL A 1321 -23.79 -39.84 -2.69
CA VAL A 1321 -24.25 -38.44 -2.75
C VAL A 1321 -24.64 -38.01 -4.15
N GLY A 1322 -24.21 -38.74 -5.18
CA GLY A 1322 -24.52 -38.39 -6.55
C GLY A 1322 -23.55 -37.45 -7.21
N LEU A 1323 -22.57 -36.93 -6.47
CA LEU A 1323 -21.58 -36.03 -7.06
C LEU A 1323 -20.52 -36.78 -7.84
N ARG A 1324 -20.42 -38.09 -7.67
CA ARG A 1324 -19.40 -38.86 -8.39
C ARG A 1324 -19.63 -38.83 -9.90
N SER A 1325 -20.88 -38.94 -10.34
CA SER A 1325 -21.18 -38.90 -11.76
C SER A 1325 -20.86 -37.53 -12.35
N VAL A 1326 -21.21 -36.46 -11.62
CA VAL A 1326 -20.90 -35.11 -12.10
C VAL A 1326 -19.40 -34.85 -12.08
N ILE A 1327 -18.70 -35.33 -11.04
CA ILE A 1327 -17.26 -35.11 -10.93
C ILE A 1327 -16.46 -36.24 -11.54
N GLU A 1328 -17.09 -37.14 -12.31
CA GLU A 1328 -16.36 -38.22 -12.95
C GLU A 1328 -15.35 -37.68 -13.97
N GLN A 1329 -15.69 -36.62 -14.68
CA GLN A 1329 -14.83 -36.05 -15.71
C GLN A 1329 -13.70 -35.20 -15.13
N PHE A 1330 -13.46 -35.26 -13.83
CA PHE A 1330 -12.36 -34.51 -13.24
C PHE A 1330 -11.02 -35.08 -13.70
N PRO A 1331 -9.95 -34.28 -13.65
CA PRO A 1331 -8.63 -34.80 -14.07
C PRO A 1331 -8.24 -36.02 -13.24
N GLY A 1332 -7.63 -37.00 -13.92
CA GLY A 1332 -7.38 -38.27 -13.29
C GLY A 1332 -8.68 -38.94 -12.94
N LYS A 1333 -8.91 -39.16 -11.64
CA LYS A 1333 -10.19 -39.64 -11.14
C LYS A 1333 -10.97 -38.54 -10.44
N LEU A 1334 -10.36 -37.88 -9.45
CA LEU A 1334 -11.03 -36.78 -8.77
C LEU A 1334 -10.03 -35.71 -8.32
N ASP A 1335 -8.76 -35.81 -8.68
CA ASP A 1335 -7.72 -34.94 -8.15
C ASP A 1335 -7.63 -33.61 -8.87
N PHE A 1336 -8.66 -33.21 -9.63
CA PHE A 1336 -8.65 -31.92 -10.30
C PHE A 1336 -8.62 -30.78 -9.29
N VAL A 1337 -7.56 -29.97 -9.33
CA VAL A 1337 -7.38 -28.90 -8.36
C VAL A 1337 -8.36 -27.77 -8.68
N LEU A 1338 -9.15 -27.37 -7.69
CA LEU A 1338 -10.14 -26.31 -7.87
C LEU A 1338 -9.47 -24.94 -7.81
N VAL A 1339 -8.84 -24.57 -8.93
CA VAL A 1339 -8.18 -23.29 -9.01
C VAL A 1339 -9.22 -22.17 -9.06
N ASP A 1340 -8.77 -20.95 -8.75
CA ASP A 1340 -9.62 -19.76 -8.77
C ASP A 1340 -10.83 -19.91 -7.84
N GLY A 1341 -10.61 -20.52 -6.68
CA GLY A 1341 -11.65 -20.65 -5.68
C GLY A 1341 -12.83 -21.50 -6.07
N GLY A 1342 -12.59 -22.62 -6.74
CA GLY A 1342 -13.68 -23.52 -7.10
C GLY A 1342 -14.63 -22.99 -8.14
N CYS A 1343 -14.14 -22.18 -9.08
CA CYS A 1343 -15.01 -21.63 -10.12
C CYS A 1343 -15.57 -22.71 -11.03
N VAL A 1344 -14.90 -23.87 -11.12
CA VAL A 1344 -15.36 -24.93 -12.01
C VAL A 1344 -16.70 -25.49 -11.55
N LEU A 1345 -16.88 -25.69 -10.25
CA LEU A 1345 -18.13 -26.24 -9.72
C LEU A 1345 -19.23 -25.18 -9.76
N SER A 1346 -20.45 -25.65 -10.04
CA SER A 1346 -21.60 -24.76 -10.09
C SER A 1346 -22.17 -24.53 -8.68
N HIS A 1347 -23.17 -23.64 -8.60
CA HIS A 1347 -23.82 -23.37 -7.32
C HIS A 1347 -24.48 -24.63 -6.76
N GLY A 1348 -25.16 -25.40 -7.61
CA GLY A 1348 -25.71 -26.67 -7.17
C GLY A 1348 -24.64 -27.66 -6.77
N HIS A 1349 -23.53 -27.69 -7.51
CA HIS A 1349 -22.40 -28.54 -7.12
C HIS A 1349 -21.82 -28.13 -5.77
N LYS A 1350 -21.71 -26.82 -5.52
CA LYS A 1350 -21.30 -26.36 -4.20
C LYS A 1350 -22.32 -26.75 -3.14
N GLN A 1351 -23.61 -26.64 -3.44
CA GLN A 1351 -24.62 -27.18 -2.54
C GLN A 1351 -24.50 -28.68 -2.41
N LEU A 1352 -24.24 -29.39 -3.51
CA LEU A 1352 -23.96 -30.81 -3.44
C LEU A 1352 -22.70 -31.10 -2.64
N MET A 1353 -21.65 -30.28 -2.83
CA MET A 1353 -20.47 -30.40 -1.99
C MET A 1353 -20.80 -30.09 -0.53
N CYS A 1354 -21.65 -29.07 -0.31
CA CYS A 1354 -22.11 -28.80 1.04
C CYS A 1354 -22.92 -29.97 1.59
N LEU A 1355 -23.77 -30.57 0.76
CA LEU A 1355 -24.51 -31.76 1.19
C LEU A 1355 -23.56 -32.92 1.44
N ALA A 1356 -22.53 -33.08 0.61
CA ALA A 1356 -21.56 -34.15 0.81
C ALA A 1356 -20.78 -33.96 2.09
N ARG A 1357 -20.30 -32.75 2.36
CA ARG A 1357 -19.58 -32.48 3.60
C ARG A 1357 -20.49 -32.65 4.81
N SER A 1358 -21.73 -32.18 4.71
CA SER A 1358 -22.67 -32.34 5.82
C SER A 1358 -23.00 -33.79 6.09
N VAL A 1359 -23.14 -34.60 5.03
CA VAL A 1359 -23.45 -36.02 5.21
C VAL A 1359 -22.32 -36.72 5.95
N LEU A 1360 -21.07 -36.43 5.58
CA LEU A 1360 -19.94 -37.01 6.29
C LEU A 1360 -19.88 -36.52 7.73
N SER A 1361 -20.17 -35.23 7.94
CA SER A 1361 -20.15 -34.67 9.29
C SER A 1361 -21.27 -35.24 10.17
N LYS A 1362 -22.32 -35.80 9.56
CA LYS A 1362 -23.46 -36.36 10.28
C LYS A 1362 -24.09 -35.31 11.20
N ALA A 1363 -24.29 -34.10 10.68
CA ALA A 1363 -24.89 -33.03 11.46
C ALA A 1363 -26.35 -33.33 11.76
N LYS A 1364 -26.78 -33.01 12.99
CA LYS A 1364 -28.15 -33.27 13.40
C LYS A 1364 -29.13 -32.24 12.87
N ILE A 1365 -28.65 -31.11 12.37
CA ILE A 1365 -29.50 -30.05 11.84
C ILE A 1365 -29.01 -29.65 10.46
N LEU A 1366 -29.91 -29.08 9.66
CA LEU A 1366 -29.60 -28.62 8.31
C LEU A 1366 -30.31 -27.28 8.11
N LEU A 1367 -29.59 -26.20 8.40
CA LEU A 1367 -30.15 -24.85 8.30
C LEU A 1367 -30.04 -24.40 6.84
N LEU A 1368 -31.14 -24.53 6.11
CA LEU A 1368 -31.20 -24.11 4.72
C LEU A 1368 -31.94 -22.77 4.60
N ASP A 1369 -31.41 -21.90 3.75
CA ASP A 1369 -32.01 -20.58 3.56
C ASP A 1369 -31.72 -20.11 2.14
N GLN A 1370 -32.65 -19.31 1.60
CA GLN A 1370 -32.57 -18.77 0.25
C GLN A 1370 -32.34 -19.88 -0.77
N PRO A 1371 -33.10 -20.98 -0.70
CA PRO A 1371 -32.88 -22.07 -1.66
C PRO A 1371 -33.26 -21.70 -3.09
N SER A 1372 -34.46 -21.15 -3.29
CA SER A 1372 -34.90 -20.83 -4.64
C SER A 1372 -34.08 -19.71 -5.27
N ALA A 1373 -33.55 -18.80 -4.46
CA ALA A 1373 -32.77 -17.69 -4.98
C ALA A 1373 -31.39 -18.10 -5.45
N HIS A 1374 -30.95 -19.32 -5.16
CA HIS A 1374 -29.61 -19.77 -5.52
C HIS A 1374 -29.58 -21.12 -6.23
N LEU A 1375 -30.58 -21.97 -6.02
CA LEU A 1375 -30.59 -23.30 -6.62
C LEU A 1375 -31.40 -23.30 -7.90
N ASP A 1376 -30.95 -24.11 -8.86
CA ASP A 1376 -31.64 -24.26 -10.13
C ASP A 1376 -32.75 -25.29 -10.01
N PRO A 1377 -33.72 -25.27 -10.93
CA PRO A 1377 -34.80 -26.27 -10.87
C PRO A 1377 -34.29 -27.70 -10.98
N VAL A 1378 -33.26 -27.94 -11.79
CA VAL A 1378 -32.69 -29.27 -11.89
C VAL A 1378 -32.02 -29.67 -10.59
N THR A 1379 -31.25 -28.76 -9.98
CA THR A 1379 -30.61 -29.06 -8.70
C THR A 1379 -31.66 -29.26 -7.61
N TYR A 1380 -32.71 -28.43 -7.61
CA TYR A 1380 -33.77 -28.57 -6.61
C TYR A 1380 -34.46 -29.92 -6.71
N GLN A 1381 -34.75 -30.37 -7.94
CA GLN A 1381 -35.31 -31.71 -8.12
C GLN A 1381 -34.31 -32.78 -7.70
N ILE A 1382 -33.04 -32.58 -8.04
CA ILE A 1382 -32.01 -33.52 -7.62
C ILE A 1382 -31.86 -33.52 -6.12
N ILE A 1383 -31.88 -32.34 -5.49
CA ILE A 1383 -31.77 -32.25 -4.04
C ILE A 1383 -33.00 -32.87 -3.36
N ARG A 1384 -34.18 -32.70 -3.96
CA ARG A 1384 -35.40 -33.25 -3.36
C ARG A 1384 -35.33 -34.78 -3.25
N ARG A 1385 -34.64 -35.43 -4.18
CA ARG A 1385 -34.48 -36.88 -4.11
C ARG A 1385 -33.48 -37.27 -3.03
N THR A 1386 -32.44 -36.46 -2.82
CA THR A 1386 -31.40 -36.81 -1.86
C THR A 1386 -31.70 -36.26 -0.47
N LEU A 1387 -32.06 -34.96 -0.39
CA LEU A 1387 -32.28 -34.34 0.92
C LEU A 1387 -33.43 -35.00 1.66
N LYS A 1388 -34.44 -35.49 0.95
CA LYS A 1388 -35.53 -36.20 1.61
C LYS A 1388 -35.04 -37.47 2.30
N GLN A 1389 -34.18 -38.24 1.62
CA GLN A 1389 -33.62 -39.43 2.25
C GLN A 1389 -32.53 -39.06 3.26
N ALA A 1390 -31.75 -38.03 2.95
CA ALA A 1390 -30.67 -37.62 3.85
C ALA A 1390 -31.21 -37.13 5.20
N PHE A 1391 -32.29 -36.33 5.17
CA PHE A 1391 -32.86 -35.76 6.38
C PHE A 1391 -34.20 -36.41 6.73
N ALA A 1392 -34.37 -37.69 6.37
CA ALA A 1392 -35.60 -38.39 6.71
C ALA A 1392 -35.74 -38.55 8.22
N ASP A 1393 -34.62 -38.66 8.94
CA ASP A 1393 -34.64 -38.81 10.39
C ASP A 1393 -33.89 -37.67 11.05
N CYS A 1394 -34.11 -36.44 10.59
CA CYS A 1394 -33.42 -35.29 11.13
C CYS A 1394 -34.39 -34.13 11.24
N THR A 1395 -34.08 -33.18 12.11
CA THR A 1395 -34.90 -31.99 12.35
C THR A 1395 -34.21 -30.81 11.67
N VAL A 1396 -34.69 -30.43 10.50
CA VAL A 1396 -34.12 -29.34 9.74
C VAL A 1396 -35.05 -28.13 9.81
N ILE A 1397 -34.49 -26.95 9.57
CA ILE A 1397 -35.24 -25.69 9.57
C ILE A 1397 -34.97 -25.01 8.24
N LEU A 1398 -35.93 -25.09 7.33
CA LEU A 1398 -35.80 -24.51 5.99
C LEU A 1398 -36.51 -23.16 5.98
N CYS A 1399 -35.73 -22.09 5.95
CA CYS A 1399 -36.27 -20.74 5.89
C CYS A 1399 -36.16 -20.19 4.48
N GLU A 1400 -37.12 -19.35 4.10
CA GLU A 1400 -37.15 -18.74 2.78
C GLU A 1400 -38.09 -17.55 2.80
N HIS A 1401 -37.94 -16.70 1.78
CA HIS A 1401 -38.79 -15.52 1.66
C HIS A 1401 -40.08 -15.83 0.90
N ARG A 1402 -40.03 -16.73 -0.07
CA ARG A 1402 -41.20 -17.07 -0.88
C ARG A 1402 -42.16 -17.92 -0.07
N ILE A 1403 -43.45 -17.57 -0.12
CA ILE A 1403 -44.47 -18.36 0.57
C ILE A 1403 -44.56 -19.76 -0.02
N GLU A 1404 -44.41 -19.88 -1.35
CA GLU A 1404 -44.44 -21.19 -1.98
C GLU A 1404 -43.29 -22.07 -1.53
N ALA A 1405 -42.11 -21.47 -1.29
CA ALA A 1405 -40.97 -22.23 -0.80
C ALA A 1405 -41.18 -22.71 0.62
N MET A 1406 -42.04 -22.06 1.40
CA MET A 1406 -42.33 -22.47 2.76
C MET A 1406 -43.51 -23.44 2.84
N LEU A 1407 -44.15 -23.76 1.72
CA LEU A 1407 -45.30 -24.66 1.74
C LEU A 1407 -44.89 -26.11 2.00
N GLU A 1408 -43.60 -26.43 1.87
CA GLU A 1408 -43.13 -27.80 2.07
C GLU A 1408 -42.86 -28.12 3.53
N CYS A 1409 -42.94 -27.14 4.43
CA CYS A 1409 -42.67 -27.38 5.84
C CYS A 1409 -43.91 -27.92 6.54
N GLN A 1410 -43.71 -28.91 7.41
CA GLN A 1410 -44.82 -29.48 8.17
C GLN A 1410 -45.46 -28.43 9.08
N GLN A 1411 -44.64 -27.69 9.82
CA GLN A 1411 -45.11 -26.60 10.65
C GLN A 1411 -44.86 -25.27 9.95
N PHE A 1412 -45.40 -24.20 10.55
CA PHE A 1412 -45.25 -22.84 10.01
C PHE A 1412 -44.80 -21.94 11.15
N LEU A 1413 -43.49 -21.89 11.37
CA LEU A 1413 -42.88 -21.02 12.38
C LEU A 1413 -42.62 -19.67 11.72
N VAL A 1414 -43.61 -18.78 11.82
CA VAL A 1414 -43.53 -17.46 11.19
C VAL A 1414 -42.76 -16.53 12.12
N ILE A 1415 -41.59 -16.08 11.67
CA ILE A 1415 -40.82 -15.11 12.44
C ILE A 1415 -41.51 -13.76 12.41
N GLU A 1416 -41.28 -12.95 13.44
CA GLU A 1416 -41.87 -11.63 13.54
C GLU A 1416 -40.90 -10.69 14.23
N GLU A 1417 -41.14 -9.39 14.08
CA GLU A 1417 -40.26 -8.36 14.64
C GLU A 1417 -40.19 -8.42 16.15
N ASN A 1418 -39.04 -8.83 16.69
CA ASN A 1418 -38.70 -8.83 18.10
C ASN A 1418 -39.49 -9.88 18.90
N LYS A 1419 -40.40 -10.61 18.25
CA LYS A 1419 -41.16 -11.65 18.92
C LYS A 1419 -41.61 -12.72 17.93
N VAL A 1420 -40.83 -13.78 17.79
CA VAL A 1420 -41.11 -14.80 16.80
C VAL A 1420 -42.36 -15.57 17.21
N ARG A 1421 -43.40 -15.52 16.38
CA ARG A 1421 -44.63 -16.24 16.62
C ARG A 1421 -44.48 -17.69 16.14
N GLN A 1422 -45.56 -18.45 16.26
CA GLN A 1422 -45.54 -19.86 15.87
C GLN A 1422 -46.92 -20.28 15.41
N TYR A 1423 -46.96 -21.36 14.63
CA TYR A 1423 -48.21 -21.93 14.15
C TYR A 1423 -47.99 -23.42 13.94
N ASP A 1424 -48.88 -24.23 14.52
CA ASP A 1424 -48.75 -25.68 14.43
C ASP A 1424 -48.91 -26.19 13.00
N SER A 1425 -49.62 -25.46 12.14
CA SER A 1425 -49.82 -25.87 10.76
C SER A 1425 -50.14 -24.63 9.93
N ILE A 1426 -50.50 -24.87 8.67
CA ILE A 1426 -50.82 -23.78 7.75
C ILE A 1426 -52.15 -23.11 8.10
N GLN A 1427 -52.98 -23.78 8.90
CA GLN A 1427 -54.30 -23.24 9.23
C GLN A 1427 -54.18 -21.92 10.00
N LYS A 1428 -53.35 -21.91 11.05
CA LYS A 1428 -53.17 -20.70 11.84
C LYS A 1428 -52.30 -19.67 11.14
N LEU A 1429 -51.33 -20.11 10.35
CA LEU A 1429 -50.43 -19.17 9.69
C LEU A 1429 -51.13 -18.43 8.56
N LEU A 1430 -51.90 -19.13 7.74
CA LEU A 1430 -52.62 -18.49 6.64
C LEU A 1430 -53.75 -17.60 7.14
N ASN A 1431 -54.19 -17.78 8.39
CA ASN A 1431 -55.28 -16.99 8.94
C ASN A 1431 -54.81 -15.80 9.76
N GLU A 1432 -53.72 -15.95 10.50
CA GLU A 1432 -53.25 -14.88 11.36
C GLU A 1432 -51.83 -14.42 11.05
N ARG A 1433 -50.91 -15.36 10.81
CA ARG A 1433 -49.53 -14.97 10.53
C ARG A 1433 -49.39 -14.31 9.16
N SER A 1434 -50.10 -14.81 8.14
CA SER A 1434 -50.02 -14.20 6.82
C SER A 1434 -50.68 -12.83 6.78
N LEU A 1435 -51.80 -12.66 7.48
CA LEU A 1435 -52.50 -11.38 7.50
C LEU A 1435 -53.23 -11.19 8.82
#